data_1A50
#
_entry.id   1A50
#
_cell.length_a   182.700
_cell.length_b   60.700
_cell.length_c   67.500
_cell.angle_alpha   90.00
_cell.angle_beta   94.50
_cell.angle_gamma   90.00
#
_symmetry.space_group_name_H-M   'C 1 2 1'
#
loop_
_entity.id
_entity.type
_entity.pdbx_description
1 polymer 'TRYPTOPHAN SYNTHASE (ALPHA CHAIN)'
2 polymer 'TRYPTOPHAN SYNTHASE (BETA CHAIN)'
3 non-polymer '5-FLUOROINDOLE PROPANOL PHOSPHATE'
4 non-polymer 'SODIUM ION'
5 non-polymer "PYRIDOXAL-5'-PHOSPHATE"
6 water water
#
loop_
_entity_poly.entity_id
_entity_poly.type
_entity_poly.pdbx_seq_one_letter_code
_entity_poly.pdbx_strand_id
1 'polypeptide(L)'
;MERYENLFAQLNDRREGAFVPFVTLGDPGIEQSLKIIDTLIDAGADALELGVPFSDPLADGPTIQNANLRAFAAGVTPAQ
CFEMLALIREKHPTIPIGLLMYANLVFNNGIDAFYARCEQVGVDSVLVADVPVEESAPFRQAALRHNIAPIFICPPNADD
DLLRQVASYGRGYTYLLSRSGVTGAENRGALPLHHLIEKLKEYHAAPALQGFGISSPEQVSAAVRAGAAGAISGSAIVKI
IEKNLASPKQMLAELRSFVSAMKAASRA
;
A
2 'polypeptide(L)'
;TTLLNPYFGEFGGMYVPQILMPALNQLEEAFVRAQKDPEFQAQFADLLKNYAGRPTALTKCQNITAGTRTTLYLKREDLL
HGGAHKTNQVLGQALLAKRMGKSEIIAETGAGQHGVASALASALLGLKCRIYMGAKDVERQSPNVFRMRLMGAEVIPVHS
GSATLKDACNEALRDWSGSYETAHYMLGTAAGPHPYPTIVREFQRMIGEETKAQILDKEGRLPDAVIACVGGGSNAIGMF
ADFINDTSVGLIGVEPGGHGIETGEHGAPLKHGRVGIYFGMKAPMMQTADGQIEESYSISAGLDFPSVGPQHAYLNSIGR
ADYVSITDDEALEAFKTLCRHEGIIPALESSHALAHALKMMREQPEKEQLLVVNLSGRGDKDIFTVHDILKARGEI
;
B
#
loop_
_chem_comp.id
_chem_comp.type
_chem_comp.name
_chem_comp.formula
FIP non-polymer '5-FLUOROINDOLE PROPANOL PHOSPHATE' 'C11 H13 F N O4 P'
NA non-polymer 'SODIUM ION' 'Na 1'
PLP non-polymer PYRIDOXAL-5'-PHOSPHATE 'C8 H10 N O6 P'
#
# COMPACT_ATOMS: atom_id res chain seq x y z
N GLU A 2 -3.17 -30.69 13.40
CA GLU A 2 -2.80 -32.10 13.46
C GLU A 2 -1.29 -32.27 13.59
N ARG A 3 -0.55 -31.85 12.56
CA ARG A 3 0.91 -31.97 12.57
C ARG A 3 1.50 -31.08 13.68
N TYR A 4 0.90 -29.92 13.90
CA TYR A 4 1.39 -29.01 14.92
C TYR A 4 1.09 -29.61 16.30
N GLU A 5 -0.13 -30.09 16.47
CA GLU A 5 -0.54 -30.72 17.72
C GLU A 5 0.45 -31.82 18.07
N ASN A 6 0.71 -32.71 17.10
CA ASN A 6 1.63 -33.80 17.30
C ASN A 6 3.02 -33.31 17.65
N LEU A 7 3.58 -32.43 16.81
CA LEU A 7 4.91 -31.91 17.09
C LEU A 7 5.00 -31.36 18.51
N PHE A 8 4.04 -30.51 18.88
CA PHE A 8 4.05 -29.89 20.21
C PHE A 8 3.88 -30.88 21.36
N ALA A 9 3.17 -31.98 21.12
CA ALA A 9 2.98 -32.98 22.15
C ALA A 9 4.34 -33.63 22.38
N GLN A 10 4.98 -34.05 21.29
CA GLN A 10 6.27 -34.67 21.38
C GLN A 10 7.31 -33.79 22.08
N LEU A 11 7.46 -32.55 21.61
CA LEU A 11 8.42 -31.62 22.17
C LEU A 11 8.22 -31.43 23.69
N ASN A 12 6.96 -31.44 24.11
CA ASN A 12 6.64 -31.26 25.52
C ASN A 12 7.18 -32.43 26.35
N ASP A 13 7.05 -33.64 25.83
CA ASP A 13 7.54 -34.82 26.53
C ASP A 13 9.06 -34.82 26.62
N ARG A 14 9.72 -34.31 25.58
CA ARG A 14 11.18 -34.25 25.58
C ARG A 14 11.64 -32.95 26.21
N ARG A 15 10.72 -32.28 26.89
CA ARG A 15 11.02 -31.02 27.56
C ARG A 15 11.84 -30.04 26.71
N GLU A 16 11.50 -29.91 25.42
CA GLU A 16 12.23 -28.99 24.56
C GLU A 16 11.35 -28.07 23.73
N GLY A 17 11.95 -26.96 23.30
CA GLY A 17 11.23 -25.99 22.49
C GLY A 17 11.42 -26.28 21.01
N ALA A 18 10.55 -25.70 20.19
CA ALA A 18 10.60 -25.91 18.76
C ALA A 18 11.45 -24.86 18.07
N PHE A 19 12.30 -25.28 17.13
CA PHE A 19 13.08 -24.30 16.38
C PHE A 19 12.53 -24.33 14.96
N VAL A 20 12.04 -23.19 14.50
CA VAL A 20 11.43 -23.09 13.18
C VAL A 20 12.13 -22.13 12.24
N PRO A 21 12.90 -22.66 11.27
CA PRO A 21 13.56 -21.75 10.34
C PRO A 21 12.61 -21.27 9.25
N PHE A 22 12.87 -20.07 8.74
CA PHE A 22 12.06 -19.53 7.67
C PHE A 22 12.99 -19.22 6.51
N VAL A 23 12.60 -19.62 5.29
CA VAL A 23 13.36 -19.32 4.09
C VAL A 23 12.32 -19.00 3.02
N THR A 24 12.77 -18.36 1.95
CA THR A 24 11.88 -18.01 0.85
C THR A 24 11.98 -19.12 -0.18
N LEU A 25 10.83 -19.64 -0.59
CA LEU A 25 10.81 -20.72 -1.58
C LEU A 25 11.41 -20.23 -2.89
N GLY A 26 12.38 -20.97 -3.42
CA GLY A 26 12.99 -20.57 -4.68
C GLY A 26 14.25 -19.74 -4.59
N ASP A 27 14.70 -19.46 -3.37
CA ASP A 27 15.91 -18.67 -3.16
C ASP A 27 17.07 -19.60 -2.82
N PRO A 28 18.18 -19.55 -3.60
CA PRO A 28 18.44 -18.70 -4.78
C PRO A 28 17.90 -19.28 -6.09
N GLY A 29 17.36 -20.49 -6.04
CA GLY A 29 16.82 -21.14 -7.22
C GLY A 29 16.01 -22.31 -6.73
N ILE A 30 15.28 -22.97 -7.63
CA ILE A 30 14.47 -24.11 -7.23
C ILE A 30 15.28 -25.27 -6.67
N GLU A 31 16.21 -25.79 -7.48
CA GLU A 31 17.06 -26.92 -7.08
C GLU A 31 17.81 -26.63 -5.79
N GLN A 32 18.41 -25.44 -5.68
CA GLN A 32 19.17 -25.10 -4.48
C GLN A 32 18.27 -24.87 -3.27
N SER A 33 17.08 -24.35 -3.51
CA SER A 33 16.15 -24.09 -2.42
C SER A 33 15.71 -25.42 -1.80
N LEU A 34 15.40 -26.39 -2.65
CA LEU A 34 14.96 -27.69 -2.17
C LEU A 34 16.08 -28.34 -1.35
N LYS A 35 17.32 -28.14 -1.78
CA LYS A 35 18.46 -28.69 -1.09
C LYS A 35 18.62 -27.98 0.25
N ILE A 36 18.47 -26.66 0.24
CA ILE A 36 18.56 -25.88 1.46
C ILE A 36 17.54 -26.38 2.48
N ILE A 37 16.31 -26.60 2.03
CA ILE A 37 15.24 -27.06 2.91
C ILE A 37 15.49 -28.45 3.49
N ASP A 38 16.04 -29.35 2.68
CA ASP A 38 16.34 -30.70 3.13
C ASP A 38 17.44 -30.66 4.19
N THR A 39 18.34 -29.68 4.06
CA THR A 39 19.44 -29.51 5.00
C THR A 39 18.96 -28.94 6.32
N LEU A 40 17.97 -28.06 6.25
CA LEU A 40 17.41 -27.42 7.44
C LEU A 40 16.74 -28.49 8.32
N ILE A 41 16.01 -29.39 7.66
CA ILE A 41 15.31 -30.46 8.35
C ILE A 41 16.30 -31.48 8.92
N ASP A 42 17.29 -31.84 8.11
CA ASP A 42 18.30 -32.80 8.53
C ASP A 42 19.07 -32.25 9.72
N ALA A 43 19.34 -30.95 9.69
CA ALA A 43 20.08 -30.28 10.74
C ALA A 43 19.32 -30.10 12.04
N GLY A 44 18.02 -30.41 12.06
CA GLY A 44 17.28 -30.26 13.30
C GLY A 44 16.01 -29.42 13.37
N ALA A 45 15.60 -28.80 12.28
CA ALA A 45 14.38 -27.99 12.30
C ALA A 45 13.18 -28.85 12.71
N ASP A 46 12.31 -28.30 13.56
CA ASP A 46 11.10 -29.00 14.01
C ASP A 46 9.91 -28.72 13.10
N ALA A 47 9.98 -27.62 12.35
CA ALA A 47 8.92 -27.23 11.42
C ALA A 47 9.52 -26.21 10.48
N LEU A 48 8.78 -25.88 9.44
CA LEU A 48 9.25 -24.93 8.45
C LEU A 48 8.24 -23.81 8.27
N GLU A 49 8.76 -22.62 8.00
CA GLU A 49 7.92 -21.46 7.73
C GLU A 49 8.46 -21.06 6.36
N LEU A 50 7.62 -21.14 5.35
CA LEU A 50 8.07 -20.86 4.00
C LEU A 50 7.37 -19.69 3.36
N GLY A 51 8.15 -18.81 2.76
CA GLY A 51 7.59 -17.65 2.10
C GLY A 51 7.48 -17.83 0.60
N VAL A 52 6.41 -17.29 0.05
CA VAL A 52 6.18 -17.32 -1.38
C VAL A 52 6.59 -15.95 -1.86
N PRO A 53 7.51 -15.89 -2.84
CA PRO A 53 7.99 -14.61 -3.38
C PRO A 53 6.86 -13.69 -3.81
N PHE A 54 6.80 -12.51 -3.20
CA PHE A 54 5.79 -11.52 -3.54
C PHE A 54 6.51 -10.25 -3.96
N SER A 55 5.89 -9.51 -4.88
CA SER A 55 6.49 -8.28 -5.40
C SER A 55 6.62 -7.15 -4.38
N ASP A 56 5.67 -7.05 -3.45
CA ASP A 56 5.71 -5.97 -2.47
C ASP A 56 5.58 -6.44 -1.01
N PRO A 57 6.63 -7.09 -0.49
CA PRO A 57 6.68 -7.62 0.88
C PRO A 57 6.84 -6.50 1.90
N LEU A 58 5.73 -5.80 2.20
CA LEU A 58 5.78 -4.66 3.10
C LEU A 58 5.97 -4.91 4.59
N ALA A 59 6.07 -6.17 5.00
CA ALA A 59 6.28 -6.49 6.40
C ALA A 59 7.68 -7.10 6.54
N ASP A 60 8.47 -7.00 5.48
CA ASP A 60 9.80 -7.58 5.45
C ASP A 60 10.96 -6.59 5.41
N GLY A 61 12.04 -6.95 6.10
CA GLY A 61 13.23 -6.11 6.12
C GLY A 61 14.09 -6.45 4.92
N PRO A 62 15.19 -5.72 4.71
CA PRO A 62 16.12 -5.91 3.60
C PRO A 62 16.54 -7.34 3.28
N THR A 63 16.96 -8.08 4.29
CA THR A 63 17.43 -9.45 4.06
C THR A 63 16.44 -10.27 3.25
N ILE A 64 15.20 -10.31 3.73
CA ILE A 64 14.17 -11.08 3.06
C ILE A 64 13.66 -10.39 1.78
N GLN A 65 13.77 -9.07 1.72
CA GLN A 65 13.36 -8.34 0.50
C GLN A 65 14.27 -8.84 -0.62
N ASN A 66 15.55 -9.02 -0.32
CA ASN A 66 16.54 -9.49 -1.29
C ASN A 66 16.32 -10.95 -1.68
N ALA A 67 15.80 -11.73 -0.75
CA ALA A 67 15.52 -13.15 -0.99
C ALA A 67 14.43 -13.23 -2.06
N ASN A 68 13.42 -12.37 -1.95
CA ASN A 68 12.33 -12.36 -2.92
C ASN A 68 12.89 -11.99 -4.30
N LEU A 69 13.80 -11.01 -4.33
CA LEU A 69 14.40 -10.58 -5.59
C LEU A 69 15.17 -11.74 -6.21
N ARG A 70 16.00 -12.40 -5.41
CA ARG A 70 16.75 -13.53 -5.92
C ARG A 70 15.78 -14.57 -6.50
N ALA A 71 14.68 -14.81 -5.80
CA ALA A 71 13.69 -15.78 -6.24
C ALA A 71 13.08 -15.39 -7.59
N PHE A 72 12.65 -14.14 -7.72
CA PHE A 72 12.07 -13.64 -8.96
C PHE A 72 13.12 -13.74 -10.07
N ALA A 73 14.34 -13.35 -9.74
CA ALA A 73 15.42 -13.41 -10.71
C ALA A 73 15.57 -14.84 -11.21
N ALA A 74 15.11 -15.80 -10.42
CA ALA A 74 15.21 -17.20 -10.81
C ALA A 74 13.98 -17.66 -11.58
N GLY A 75 13.03 -16.75 -11.78
CA GLY A 75 11.82 -17.08 -12.51
C GLY A 75 10.78 -17.82 -11.70
N VAL A 76 10.95 -17.80 -10.38
CA VAL A 76 10.04 -18.48 -9.47
C VAL A 76 8.65 -17.85 -9.40
N THR A 77 7.63 -18.69 -9.55
CA THR A 77 6.24 -18.23 -9.50
C THR A 77 5.48 -18.99 -8.40
N PRO A 78 4.30 -18.48 -8.02
CA PRO A 78 3.51 -19.17 -6.99
C PRO A 78 3.22 -20.61 -7.38
N ALA A 79 2.99 -20.85 -8.66
CA ALA A 79 2.70 -22.19 -9.15
C ALA A 79 3.88 -23.13 -8.92
N GLN A 80 5.08 -22.63 -9.18
CA GLN A 80 6.27 -23.43 -8.98
C GLN A 80 6.48 -23.71 -7.48
N CYS A 81 6.07 -22.76 -6.64
CA CYS A 81 6.20 -22.92 -5.20
C CYS A 81 5.34 -24.09 -4.73
N PHE A 82 4.10 -24.12 -5.20
CA PHE A 82 3.22 -25.20 -4.81
C PHE A 82 3.75 -26.55 -5.30
N GLU A 83 4.55 -26.51 -6.37
CA GLU A 83 5.13 -27.75 -6.89
C GLU A 83 6.19 -28.19 -5.90
N MET A 84 7.01 -27.24 -5.45
CA MET A 84 8.06 -27.53 -4.49
C MET A 84 7.44 -28.02 -3.19
N LEU A 85 6.36 -27.35 -2.77
CA LEU A 85 5.65 -27.69 -1.56
C LEU A 85 5.21 -29.16 -1.57
N ALA A 86 4.79 -29.66 -2.72
CA ALA A 86 4.35 -31.04 -2.81
C ALA A 86 5.53 -32.00 -2.69
N LEU A 87 6.64 -31.64 -3.32
CA LEU A 87 7.84 -32.49 -3.28
C LEU A 87 8.38 -32.55 -1.86
N ILE A 88 8.32 -31.42 -1.16
CA ILE A 88 8.82 -31.37 0.21
C ILE A 88 7.98 -32.28 1.11
N ARG A 89 6.66 -32.20 0.96
CA ARG A 89 5.75 -33.01 1.76
C ARG A 89 5.94 -34.49 1.46
N GLU A 90 6.21 -34.80 0.20
CA GLU A 90 6.42 -36.17 -0.21
C GLU A 90 7.66 -36.76 0.47
N LYS A 91 8.63 -35.91 0.75
CA LYS A 91 9.87 -36.36 1.38
C LYS A 91 9.81 -36.40 2.90
N HIS A 92 9.05 -35.47 3.49
CA HIS A 92 8.95 -35.35 4.94
C HIS A 92 7.48 -35.29 5.29
N PRO A 93 6.91 -36.46 5.60
CA PRO A 93 5.50 -36.63 5.95
C PRO A 93 5.01 -36.04 7.26
N THR A 94 5.90 -35.83 8.22
CA THR A 94 5.43 -35.33 9.51
C THR A 94 5.74 -33.90 9.92
N ILE A 95 6.73 -33.29 9.30
CA ILE A 95 7.10 -31.93 9.67
C ILE A 95 6.02 -30.90 9.34
N PRO A 96 5.64 -30.07 10.32
CA PRO A 96 4.61 -29.08 10.01
C PRO A 96 5.15 -28.06 9.01
N ILE A 97 4.31 -27.69 8.07
CA ILE A 97 4.71 -26.72 7.06
C ILE A 97 3.75 -25.51 7.11
N GLY A 98 4.31 -24.35 7.38
CA GLY A 98 3.52 -23.13 7.44
C GLY A 98 3.96 -22.20 6.33
N LEU A 99 3.00 -21.50 5.73
CA LEU A 99 3.32 -20.56 4.66
C LEU A 99 3.19 -19.14 5.17
N LEU A 100 4.13 -18.29 4.76
CA LEU A 100 4.09 -16.88 5.13
C LEU A 100 3.63 -16.24 3.82
N MET A 101 2.40 -15.73 3.80
CA MET A 101 1.82 -15.14 2.60
C MET A 101 1.45 -13.67 2.75
N TYR A 102 1.30 -13.01 1.61
CA TYR A 102 0.85 -11.63 1.54
C TYR A 102 -0.54 -11.82 0.91
N ALA A 103 -1.48 -11.03 1.38
CA ALA A 103 -2.88 -11.13 0.96
C ALA A 103 -3.23 -11.27 -0.51
N ASN A 104 -2.60 -10.49 -1.38
CA ASN A 104 -2.96 -10.57 -2.79
C ASN A 104 -2.74 -11.94 -3.44
N LEU A 105 -1.67 -12.62 -3.06
CA LEU A 105 -1.35 -13.93 -3.61
C LEU A 105 -2.39 -14.98 -3.17
N VAL A 106 -3.05 -14.70 -2.06
CA VAL A 106 -4.07 -15.60 -1.53
C VAL A 106 -5.43 -15.25 -2.15
N PHE A 107 -5.66 -13.96 -2.32
CA PHE A 107 -6.91 -13.46 -2.89
C PHE A 107 -6.97 -13.62 -4.42
N ASN A 108 -5.82 -13.46 -5.07
CA ASN A 108 -5.72 -13.55 -6.52
C ASN A 108 -6.75 -14.41 -7.25
N ASN A 109 -6.61 -15.73 -7.16
CA ASN A 109 -7.53 -16.63 -7.85
C ASN A 109 -8.63 -17.17 -6.98
N GLY A 110 -9.07 -16.40 -5.99
CA GLY A 110 -10.11 -16.86 -5.11
C GLY A 110 -9.53 -17.37 -3.81
N ILE A 111 -10.03 -16.86 -2.71
CA ILE A 111 -9.54 -17.24 -1.39
C ILE A 111 -9.69 -18.73 -1.10
N ASP A 112 -10.90 -19.26 -1.30
CA ASP A 112 -11.14 -20.67 -1.03
C ASP A 112 -10.25 -21.56 -1.88
N ALA A 113 -10.01 -21.14 -3.11
CA ALA A 113 -9.17 -21.92 -4.03
C ALA A 113 -7.72 -21.98 -3.58
N PHE A 114 -7.24 -20.94 -2.90
CA PHE A 114 -5.85 -20.95 -2.44
C PHE A 114 -5.68 -21.98 -1.33
N TYR A 115 -6.64 -22.01 -0.40
CA TYR A 115 -6.56 -22.95 0.72
C TYR A 115 -6.79 -24.40 0.26
N ALA A 116 -7.62 -24.57 -0.75
CA ALA A 116 -7.89 -25.91 -1.28
C ALA A 116 -6.59 -26.47 -1.83
N ARG A 117 -5.82 -25.60 -2.47
CA ARG A 117 -4.54 -25.99 -3.06
C ARG A 117 -3.52 -26.29 -1.96
N CYS A 118 -3.59 -25.53 -0.86
CA CYS A 118 -2.69 -25.73 0.27
C CYS A 118 -2.96 -27.12 0.84
N GLU A 119 -4.25 -27.42 1.00
CA GLU A 119 -4.68 -28.70 1.54
C GLU A 119 -4.22 -29.85 0.68
N GLN A 120 -4.43 -29.75 -0.62
CA GLN A 120 -4.03 -30.86 -1.46
C GLN A 120 -2.54 -31.02 -1.59
N VAL A 121 -1.80 -29.97 -1.26
CA VAL A 121 -0.34 -30.05 -1.34
C VAL A 121 0.26 -30.53 0.00
N GLY A 122 -0.51 -30.46 1.07
CA GLY A 122 -0.02 -30.92 2.35
C GLY A 122 0.43 -29.83 3.29
N VAL A 123 0.10 -28.58 2.98
CA VAL A 123 0.48 -27.45 3.82
C VAL A 123 -0.31 -27.53 5.12
N ASP A 124 0.29 -27.10 6.23
CA ASP A 124 -0.37 -27.16 7.53
C ASP A 124 -0.99 -25.84 8.01
N SER A 125 -0.28 -24.74 7.82
CA SER A 125 -0.80 -23.45 8.27
C SER A 125 -0.51 -22.33 7.29
N VAL A 126 -1.25 -21.25 7.44
CA VAL A 126 -1.04 -20.09 6.59
C VAL A 126 -1.12 -18.82 7.41
N LEU A 127 -0.07 -18.02 7.32
CA LEU A 127 -0.03 -16.75 8.02
C LEU A 127 -0.06 -15.69 6.92
N VAL A 128 -1.13 -14.89 6.87
CA VAL A 128 -1.26 -13.82 5.87
C VAL A 128 -0.79 -12.56 6.57
N ALA A 129 0.44 -12.14 6.26
CA ALA A 129 1.04 -10.98 6.91
C ALA A 129 0.25 -9.66 6.92
N ASP A 130 -0.45 -9.35 5.83
CA ASP A 130 -1.19 -8.09 5.78
C ASP A 130 -2.68 -8.19 5.99
N VAL A 131 -3.11 -9.24 6.68
CA VAL A 131 -4.53 -9.41 7.00
C VAL A 131 -4.67 -9.44 8.53
N PRO A 132 -5.11 -8.34 9.15
CA PRO A 132 -5.27 -8.31 10.61
C PRO A 132 -6.51 -9.13 10.98
N VAL A 133 -6.68 -9.45 12.27
CA VAL A 133 -7.84 -10.22 12.69
C VAL A 133 -9.17 -9.58 12.29
N GLU A 134 -9.19 -8.25 12.22
CA GLU A 134 -10.38 -7.51 11.85
C GLU A 134 -10.85 -7.80 10.42
N GLU A 135 -9.92 -8.20 9.55
CA GLU A 135 -10.25 -8.48 8.16
C GLU A 135 -10.09 -9.95 7.82
N SER A 136 -9.93 -10.78 8.83
CA SER A 136 -9.67 -12.21 8.59
C SER A 136 -10.81 -13.17 8.35
N ALA A 137 -12.06 -12.77 8.62
CA ALA A 137 -13.21 -13.65 8.45
C ALA A 137 -13.15 -14.59 7.25
N PRO A 138 -13.12 -14.04 6.03
CA PRO A 138 -13.06 -14.84 4.79
C PRO A 138 -11.87 -15.79 4.74
N PHE A 139 -10.74 -15.33 5.29
CA PHE A 139 -9.53 -16.14 5.28
C PHE A 139 -9.53 -17.29 6.25
N ARG A 140 -9.89 -17.06 7.51
CA ARG A 140 -9.89 -18.16 8.46
C ARG A 140 -10.96 -19.19 8.15
N GLN A 141 -12.13 -18.74 7.72
CA GLN A 141 -13.21 -19.65 7.38
C GLN A 141 -12.77 -20.56 6.23
N ALA A 142 -12.14 -19.99 5.21
CA ALA A 142 -11.66 -20.78 4.09
C ALA A 142 -10.61 -21.77 4.61
N ALA A 143 -9.74 -21.30 5.51
CA ALA A 143 -8.70 -22.15 6.09
C ALA A 143 -9.31 -23.34 6.86
N LEU A 144 -10.28 -23.05 7.71
CA LEU A 144 -10.94 -24.07 8.49
C LEU A 144 -11.61 -25.08 7.56
N ARG A 145 -12.33 -24.59 6.55
CA ARG A 145 -13.02 -25.49 5.63
C ARG A 145 -12.07 -26.44 4.94
N HIS A 146 -10.80 -26.06 4.82
CA HIS A 146 -9.83 -26.93 4.17
C HIS A 146 -8.78 -27.49 5.12
N ASN A 147 -9.11 -27.52 6.41
CA ASN A 147 -8.22 -28.07 7.42
C ASN A 147 -6.84 -27.44 7.43
N ILE A 148 -6.79 -26.13 7.27
CA ILE A 148 -5.52 -25.43 7.28
C ILE A 148 -5.59 -24.57 8.52
N ALA A 149 -4.50 -24.45 9.25
CA ALA A 149 -4.51 -23.63 10.45
C ALA A 149 -4.25 -22.17 10.10
N PRO A 150 -5.18 -21.28 10.45
CA PRO A 150 -5.02 -19.85 10.18
C PRO A 150 -4.15 -19.28 11.31
N ILE A 151 -2.96 -18.79 10.98
CA ILE A 151 -2.06 -18.24 11.98
C ILE A 151 -2.22 -16.74 12.18
N PHE A 152 -2.28 -16.30 13.44
CA PHE A 152 -2.42 -14.88 13.72
C PHE A 152 -1.25 -14.32 14.51
N ILE A 153 -0.94 -13.06 14.25
CA ILE A 153 0.17 -12.38 14.90
C ILE A 153 -0.27 -11.64 16.16
N CYS A 154 0.45 -11.90 17.25
CA CYS A 154 0.18 -11.23 18.51
C CYS A 154 1.31 -10.20 18.66
N PRO A 155 1.01 -8.92 18.39
CA PRO A 155 2.04 -7.89 18.50
C PRO A 155 2.29 -7.47 19.95
N PRO A 156 3.42 -6.80 20.20
CA PRO A 156 3.73 -6.36 21.57
C PRO A 156 2.72 -5.35 22.12
N ASN A 157 2.16 -4.52 21.25
CA ASN A 157 1.18 -3.52 21.67
C ASN A 157 -0.22 -4.07 21.73
N ALA A 158 -0.34 -5.39 21.85
CA ALA A 158 -1.64 -6.06 21.91
C ALA A 158 -2.41 -5.81 23.19
N ASP A 159 -3.67 -5.41 23.05
CA ASP A 159 -4.53 -5.17 24.20
C ASP A 159 -5.31 -6.46 24.47
N ASP A 160 -6.13 -6.47 25.51
CA ASP A 160 -6.86 -7.68 25.86
C ASP A 160 -7.80 -8.21 24.79
N ASP A 161 -8.56 -7.31 24.18
CA ASP A 161 -9.50 -7.72 23.14
C ASP A 161 -8.81 -8.46 22.02
N LEU A 162 -7.69 -7.93 21.56
CA LEU A 162 -6.95 -8.58 20.50
C LEU A 162 -6.54 -9.97 20.98
N LEU A 163 -6.00 -10.04 22.19
CA LEU A 163 -5.55 -11.29 22.80
C LEU A 163 -6.61 -12.37 22.72
N ARG A 164 -7.83 -12.02 23.11
CA ARG A 164 -8.95 -12.94 23.09
C ARG A 164 -9.28 -13.41 21.67
N GLN A 165 -9.18 -12.50 20.71
CA GLN A 165 -9.49 -12.83 19.32
C GLN A 165 -8.46 -13.76 18.75
N VAL A 166 -7.19 -13.41 18.93
CA VAL A 166 -6.09 -14.23 18.45
C VAL A 166 -6.21 -15.63 19.06
N ALA A 167 -6.61 -15.70 20.31
CA ALA A 167 -6.73 -16.98 20.98
C ALA A 167 -7.84 -17.87 20.40
N SER A 168 -8.99 -17.29 20.09
CA SER A 168 -10.10 -18.07 19.57
C SER A 168 -10.11 -18.32 18.06
N TYR A 169 -9.45 -17.44 17.31
CA TYR A 169 -9.38 -17.55 15.85
C TYR A 169 -8.21 -18.38 15.36
N GLY A 170 -7.07 -18.27 16.04
CA GLY A 170 -5.88 -18.99 15.62
C GLY A 170 -5.90 -20.48 15.87
N ARG A 171 -4.99 -21.19 15.22
CA ARG A 171 -4.85 -22.63 15.37
C ARG A 171 -3.41 -22.98 15.05
N GLY A 172 -2.99 -24.20 15.39
CA GLY A 172 -1.61 -24.61 15.12
C GLY A 172 -0.66 -23.96 16.10
N TYR A 173 -0.41 -22.68 15.89
CA TYR A 173 0.46 -21.93 16.78
C TYR A 173 0.11 -20.44 16.71
N THR A 174 0.60 -19.68 17.68
CA THR A 174 0.36 -18.25 17.73
C THR A 174 1.68 -17.57 17.38
N TYR A 175 1.67 -16.66 16.42
CA TYR A 175 2.92 -16.00 16.09
C TYR A 175 3.07 -14.84 17.07
N LEU A 176 4.13 -14.89 17.88
CA LEU A 176 4.37 -13.84 18.86
C LEU A 176 5.47 -12.92 18.38
N LEU A 177 5.13 -11.65 18.23
CA LEU A 177 6.09 -10.64 17.77
C LEU A 177 6.96 -10.16 18.92
N SER A 178 8.26 -10.33 18.77
CA SER A 178 9.19 -9.91 19.81
C SER A 178 9.36 -8.39 19.82
N ARG A 179 8.97 -7.72 18.74
CA ARG A 179 9.09 -6.27 18.63
C ARG A 179 8.25 -5.74 17.48
N SER A 180 8.22 -4.42 17.36
CA SER A 180 7.49 -3.75 16.28
C SER A 180 8.48 -3.65 15.13
N GLY A 181 8.07 -3.01 14.03
CA GLY A 181 8.97 -2.89 12.89
C GLY A 181 8.80 -4.05 11.91
N VAL A 182 9.85 -4.38 11.18
CA VAL A 182 9.78 -5.45 10.20
C VAL A 182 10.79 -6.56 10.49
N THR A 183 10.83 -7.57 9.63
CA THR A 183 11.77 -8.68 9.79
C THR A 183 13.21 -8.21 9.65
N GLY A 184 14.08 -8.67 10.55
CA GLY A 184 15.48 -8.27 10.49
C GLY A 184 16.28 -8.92 11.60
N ALA A 185 17.33 -9.65 11.22
CA ALA A 185 18.18 -10.35 12.18
C ALA A 185 18.94 -9.39 13.09
N GLU A 186 19.51 -8.34 12.50
CA GLU A 186 20.27 -7.36 13.27
C GLU A 186 19.35 -6.26 13.79
N ASN A 187 18.39 -6.65 14.62
CA ASN A 187 17.44 -5.71 15.17
C ASN A 187 16.75 -6.30 16.40
N HIS A 194 6.06 -11.63 28.08
CA HIS A 194 5.73 -12.61 29.12
C HIS A 194 4.29 -12.46 29.59
N HIS A 195 3.86 -11.21 29.75
CA HIS A 195 2.49 -10.93 30.17
C HIS A 195 1.58 -11.49 29.09
N LEU A 196 1.99 -11.32 27.84
CA LEU A 196 1.22 -11.83 26.71
C LEU A 196 1.21 -13.35 26.76
N ILE A 197 2.39 -13.96 26.88
CA ILE A 197 2.49 -15.42 26.93
C ILE A 197 1.52 -16.02 27.95
N GLU A 198 1.47 -15.42 29.13
CA GLU A 198 0.60 -15.89 30.20
C GLU A 198 -0.87 -15.76 29.82
N LYS A 199 -1.24 -14.57 29.33
CA LYS A 199 -2.61 -14.30 28.93
C LYS A 199 -3.05 -15.23 27.79
N LEU A 200 -2.16 -15.48 26.85
CA LEU A 200 -2.46 -16.37 25.74
C LEU A 200 -2.76 -17.76 26.29
N LYS A 201 -1.97 -18.19 27.27
CA LYS A 201 -2.17 -19.50 27.90
C LYS A 201 -3.50 -19.48 28.62
N GLU A 202 -3.74 -18.40 29.35
CA GLU A 202 -5.00 -18.25 30.07
C GLU A 202 -6.18 -18.44 29.13
N TYR A 203 -6.10 -17.82 27.95
CA TYR A 203 -7.20 -17.92 26.98
C TYR A 203 -7.15 -19.14 26.07
N HIS A 204 -6.29 -20.10 26.37
CA HIS A 204 -6.16 -21.32 25.57
C HIS A 204 -5.77 -21.09 24.12
N ALA A 205 -4.82 -20.18 23.90
CA ALA A 205 -4.35 -19.89 22.55
C ALA A 205 -3.42 -21.03 22.13
N ALA A 206 -3.24 -21.21 20.82
CA ALA A 206 -2.35 -22.26 20.34
C ALA A 206 -0.95 -21.89 20.80
N PRO A 207 -0.09 -22.90 21.02
CA PRO A 207 1.29 -22.67 21.46
C PRO A 207 1.95 -21.49 20.75
N ALA A 208 2.57 -20.61 21.53
CA ALA A 208 3.22 -19.43 20.95
C ALA A 208 4.63 -19.70 20.42
N LEU A 209 4.90 -19.14 19.25
CA LEU A 209 6.21 -19.23 18.62
C LEU A 209 6.64 -17.77 18.48
N GLN A 210 7.78 -17.42 19.07
CA GLN A 210 8.25 -16.05 18.99
C GLN A 210 9.06 -15.83 17.74
N GLY A 211 8.83 -14.69 17.08
CA GLY A 211 9.56 -14.38 15.87
C GLY A 211 9.96 -12.92 15.74
N PHE A 212 10.98 -12.69 14.91
CA PHE A 212 11.55 -11.37 14.63
C PHE A 212 12.83 -11.13 15.40
N GLY A 213 13.95 -11.10 14.68
CA GLY A 213 15.23 -10.85 15.32
C GLY A 213 15.95 -12.02 15.99
N ILE A 214 15.31 -13.18 16.06
CA ILE A 214 15.94 -14.34 16.68
C ILE A 214 17.11 -14.83 15.81
N SER A 215 18.32 -14.54 16.24
CA SER A 215 19.51 -14.94 15.49
C SER A 215 20.59 -15.66 16.29
N SER A 216 20.47 -15.64 17.62
CA SER A 216 21.46 -16.30 18.48
C SER A 216 20.84 -17.41 19.32
N PRO A 217 21.58 -18.49 19.52
CA PRO A 217 21.17 -19.65 20.29
C PRO A 217 20.57 -19.33 21.67
N GLU A 218 21.12 -18.31 22.32
CA GLU A 218 20.63 -17.92 23.63
C GLU A 218 19.24 -17.30 23.55
N GLN A 219 18.90 -16.75 22.39
CA GLN A 219 17.60 -16.15 22.20
C GLN A 219 16.52 -17.23 22.20
N VAL A 220 16.87 -18.39 21.66
CA VAL A 220 15.95 -19.53 21.62
C VAL A 220 15.72 -20.04 23.06
N SER A 221 16.80 -20.17 23.82
CA SER A 221 16.73 -20.63 25.21
C SER A 221 15.85 -19.70 26.03
N ALA A 222 16.06 -18.41 25.85
CA ALA A 222 15.29 -17.41 26.57
C ALA A 222 13.80 -17.42 26.19
N ALA A 223 13.51 -17.67 24.92
CA ALA A 223 12.12 -17.69 24.44
C ALA A 223 11.37 -18.83 25.11
N VAL A 224 11.99 -20.01 25.09
CA VAL A 224 11.38 -21.17 25.71
C VAL A 224 11.24 -20.94 27.21
N ARG A 225 12.25 -20.34 27.82
CA ARG A 225 12.24 -20.05 29.26
C ARG A 225 11.12 -19.08 29.61
N ALA A 226 10.85 -18.14 28.70
CA ALA A 226 9.82 -17.14 28.90
C ALA A 226 8.41 -17.73 28.83
N GLY A 227 8.28 -18.94 28.29
CA GLY A 227 6.98 -19.57 28.20
C GLY A 227 6.53 -19.88 26.78
N ALA A 228 7.36 -19.52 25.79
CA ALA A 228 7.05 -19.76 24.39
C ALA A 228 7.42 -21.21 24.06
N ALA A 229 6.67 -21.80 23.13
CA ALA A 229 6.89 -23.18 22.71
C ALA A 229 8.06 -23.31 21.78
N GLY A 230 8.52 -22.18 21.26
CA GLY A 230 9.65 -22.22 20.35
C GLY A 230 9.94 -20.86 19.75
N ALA A 231 10.84 -20.83 18.78
CA ALA A 231 11.22 -19.59 18.14
C ALA A 231 11.34 -19.77 16.63
N ILE A 232 11.05 -18.69 15.90
CA ILE A 232 11.16 -18.70 14.46
C ILE A 232 12.33 -17.80 14.11
N SER A 233 13.16 -18.22 13.17
CA SER A 233 14.30 -17.41 12.77
C SER A 233 14.36 -17.39 11.25
N GLY A 234 14.33 -16.19 10.66
CA GLY A 234 14.37 -16.08 9.20
C GLY A 234 15.56 -15.35 8.60
N SER A 235 15.66 -14.04 8.84
CA SER A 235 16.77 -13.24 8.29
C SER A 235 18.14 -13.84 8.63
N ALA A 236 18.27 -14.38 9.84
CA ALA A 236 19.54 -14.98 10.26
C ALA A 236 19.89 -16.17 9.38
N ILE A 237 18.87 -16.91 8.94
CA ILE A 237 19.08 -18.06 8.08
C ILE A 237 19.33 -17.61 6.64
N VAL A 238 18.46 -16.70 6.16
CA VAL A 238 18.56 -16.19 4.80
C VAL A 238 19.91 -15.49 4.56
N LYS A 239 20.41 -14.82 5.59
CA LYS A 239 21.69 -14.11 5.48
C LYS A 239 22.81 -15.09 5.13
N ILE A 240 22.73 -16.30 5.66
CA ILE A 240 23.74 -17.32 5.39
C ILE A 240 23.69 -17.72 3.93
N ILE A 241 22.48 -17.68 3.37
CA ILE A 241 22.30 -18.03 1.97
C ILE A 241 22.94 -16.96 1.10
N GLU A 242 22.57 -15.70 1.31
CA GLU A 242 23.11 -14.64 0.49
C GLU A 242 24.62 -14.50 0.61
N LYS A 243 25.15 -14.72 1.81
CA LYS A 243 26.58 -14.61 2.00
C LYS A 243 27.39 -15.75 1.37
N ASN A 244 26.73 -16.84 0.99
CA ASN A 244 27.41 -17.99 0.38
C ASN A 244 26.90 -18.34 -1.02
N LEU A 245 26.26 -17.38 -1.66
CA LEU A 245 25.72 -17.55 -3.01
C LEU A 245 26.69 -18.24 -3.95
N ALA A 246 27.93 -17.76 -3.99
CA ALA A 246 28.94 -18.32 -4.89
C ALA A 246 29.42 -19.74 -4.56
N SER A 247 29.04 -20.26 -3.40
CA SER A 247 29.45 -21.60 -3.02
C SER A 247 28.35 -22.39 -2.32
N PRO A 248 27.56 -23.16 -3.09
CA PRO A 248 26.45 -23.97 -2.57
C PRO A 248 26.88 -24.88 -1.42
N LYS A 249 28.01 -25.56 -1.59
CA LYS A 249 28.53 -26.47 -0.59
C LYS A 249 28.70 -25.81 0.77
N GLN A 250 29.41 -24.69 0.80
CA GLN A 250 29.62 -23.96 2.06
C GLN A 250 28.30 -23.47 2.63
N MET A 251 27.38 -23.12 1.75
CA MET A 251 26.06 -22.63 2.16
C MET A 251 25.35 -23.68 3.00
N LEU A 252 25.29 -24.91 2.50
CA LEU A 252 24.64 -26.00 3.23
C LEU A 252 25.38 -26.31 4.53
N ALA A 253 26.70 -26.34 4.48
CA ALA A 253 27.52 -26.63 5.65
C ALA A 253 27.23 -25.61 6.74
N GLU A 254 27.32 -24.33 6.40
CA GLU A 254 27.06 -23.28 7.37
C GLU A 254 25.62 -23.32 7.86
N LEU A 255 24.71 -23.73 6.99
CA LEU A 255 23.31 -23.81 7.36
C LEU A 255 23.13 -24.91 8.40
N ARG A 256 23.78 -26.05 8.19
CA ARG A 256 23.69 -27.16 9.12
C ARG A 256 24.17 -26.69 10.49
N SER A 257 25.37 -26.11 10.50
CA SER A 257 25.96 -25.63 11.73
C SER A 257 25.08 -24.67 12.50
N PHE A 258 24.55 -23.67 11.81
CA PHE A 258 23.72 -22.68 12.50
C PHE A 258 22.47 -23.30 13.07
N VAL A 259 21.78 -24.09 12.25
CA VAL A 259 20.54 -24.73 12.65
C VAL A 259 20.71 -25.70 13.83
N SER A 260 21.73 -26.54 13.79
CA SER A 260 21.96 -27.50 14.87
C SER A 260 22.26 -26.78 16.18
N ALA A 261 22.99 -25.67 16.09
CA ALA A 261 23.32 -24.86 17.26
C ALA A 261 22.06 -24.24 17.82
N MET A 262 21.17 -23.80 16.93
CA MET A 262 19.93 -23.17 17.36
C MET A 262 18.96 -24.20 17.96
N LYS A 263 18.91 -25.40 17.40
CA LYS A 263 18.01 -26.42 17.93
C LYS A 263 18.55 -26.94 19.25
N ALA A 264 19.87 -27.07 19.32
CA ALA A 264 20.50 -27.54 20.53
C ALA A 264 20.03 -26.66 21.69
N ALA A 265 19.99 -25.35 21.45
CA ALA A 265 19.58 -24.38 22.46
C ALA A 265 18.13 -24.48 22.87
N SER A 266 17.32 -25.21 22.11
CA SER A 266 15.90 -25.36 22.44
C SER A 266 15.66 -26.42 23.52
N ARG A 267 16.72 -27.12 23.91
CA ARG A 267 16.62 -28.14 24.95
C ARG A 267 17.24 -27.60 26.24
N THR B 1 -13.18 -2.71 16.24
CA THR B 1 -14.21 -1.93 15.54
C THR B 1 -13.72 -0.51 15.25
N THR B 2 -14.38 0.15 14.30
CA THR B 2 -14.01 1.51 13.92
C THR B 2 -15.23 2.41 14.06
N LEU B 3 -14.98 3.72 14.05
CA LEU B 3 -16.07 4.69 14.17
C LEU B 3 -16.75 4.93 12.84
N LEU B 4 -15.98 4.84 11.76
CA LEU B 4 -16.48 5.07 10.40
C LEU B 4 -16.37 3.77 9.61
N ASN B 5 -17.18 3.65 8.56
CA ASN B 5 -17.14 2.47 7.70
C ASN B 5 -15.87 2.49 6.85
N PRO B 6 -15.02 1.47 6.98
CA PRO B 6 -13.78 1.36 6.21
C PRO B 6 -13.97 0.92 4.77
N TYR B 7 -15.21 0.57 4.42
CA TYR B 7 -15.51 0.08 3.07
C TYR B 7 -16.50 0.94 2.29
N PHE B 8 -16.32 0.97 0.98
CA PHE B 8 -17.23 1.66 0.06
C PHE B 8 -17.68 0.45 -0.73
N GLY B 9 -18.83 -0.09 -0.37
CA GLY B 9 -19.29 -1.30 -1.02
C GLY B 9 -18.29 -2.38 -0.63
N GLU B 10 -17.74 -3.07 -1.63
CA GLU B 10 -16.78 -4.13 -1.39
C GLU B 10 -15.34 -3.62 -1.41
N PHE B 11 -15.14 -2.35 -1.73
CA PHE B 11 -13.79 -1.81 -1.81
C PHE B 11 -13.33 -1.06 -0.57
N GLY B 12 -12.05 -1.20 -0.25
CA GLY B 12 -11.51 -0.50 0.89
C GLY B 12 -10.87 -1.43 1.90
N GLY B 13 -11.23 -1.22 3.17
CA GLY B 13 -10.70 -2.03 4.25
C GLY B 13 -9.44 -1.49 4.91
N MET B 14 -8.86 -2.33 5.75
CA MET B 14 -7.64 -2.01 6.48
C MET B 14 -6.77 -3.26 6.46
N TYR B 15 -6.18 -3.53 5.31
CA TYR B 15 -5.34 -4.70 5.15
C TYR B 15 -3.88 -4.41 5.45
N VAL B 16 -3.60 -4.13 6.71
CA VAL B 16 -2.24 -3.84 7.12
C VAL B 16 -1.79 -4.84 8.20
N PRO B 17 -0.47 -5.02 8.36
CA PRO B 17 0.03 -5.94 9.39
C PRO B 17 -0.64 -5.55 10.72
N GLN B 18 -0.92 -6.54 11.57
CA GLN B 18 -1.58 -6.27 12.84
C GLN B 18 -0.97 -5.14 13.68
N ILE B 19 0.35 -5.02 13.65
CA ILE B 19 1.07 -4.01 14.42
C ILE B 19 0.64 -2.56 14.14
N LEU B 20 0.09 -2.30 12.95
CA LEU B 20 -0.32 -0.94 12.58
C LEU B 20 -1.77 -0.57 12.86
N MET B 21 -2.60 -1.55 13.17
CA MET B 21 -4.01 -1.26 13.43
C MET B 21 -4.25 -0.19 14.48
N PRO B 22 -3.52 -0.24 15.61
CA PRO B 22 -3.74 0.79 16.65
C PRO B 22 -3.41 2.20 16.13
N ALA B 23 -2.42 2.29 15.25
CA ALA B 23 -2.05 3.57 14.67
C ALA B 23 -3.23 4.05 13.84
N LEU B 24 -3.77 3.15 13.03
CA LEU B 24 -4.91 3.46 12.19
C LEU B 24 -6.10 3.86 13.07
N ASN B 25 -6.35 3.10 14.14
CA ASN B 25 -7.48 3.42 15.00
C ASN B 25 -7.30 4.76 15.71
N GLN B 26 -6.06 5.09 16.04
CA GLN B 26 -5.79 6.35 16.71
C GLN B 26 -6.07 7.49 15.73
N LEU B 27 -5.62 7.32 14.49
CA LEU B 27 -5.83 8.33 13.44
C LEU B 27 -7.31 8.57 13.14
N GLU B 28 -8.08 7.51 13.02
CA GLU B 28 -9.51 7.68 12.73
C GLU B 28 -10.19 8.45 13.84
N GLU B 29 -9.83 8.14 15.07
CA GLU B 29 -10.40 8.80 16.23
C GLU B 29 -10.01 10.26 16.28
N ALA B 30 -8.75 10.56 15.98
CA ALA B 30 -8.28 11.95 15.99
C ALA B 30 -9.02 12.72 14.90
N PHE B 31 -9.20 12.07 13.75
CA PHE B 31 -9.87 12.71 12.63
C PHE B 31 -11.32 13.02 12.97
N VAL B 32 -12.03 12.04 13.54
CA VAL B 32 -13.42 12.25 13.89
C VAL B 32 -13.63 13.40 14.86
N ARG B 33 -12.74 13.56 15.84
CA ARG B 33 -12.87 14.67 16.79
C ARG B 33 -12.46 16.00 16.16
N ALA B 34 -11.40 15.99 15.36
CA ALA B 34 -10.94 17.21 14.70
C ALA B 34 -12.08 17.74 13.83
N GLN B 35 -12.72 16.82 13.11
CA GLN B 35 -13.82 17.15 12.23
C GLN B 35 -14.94 17.88 12.98
N LYS B 36 -15.09 17.61 14.28
CA LYS B 36 -16.12 18.26 15.08
C LYS B 36 -15.55 19.46 15.86
N ASP B 37 -14.25 19.64 15.79
CA ASP B 37 -13.59 20.72 16.52
C ASP B 37 -13.50 22.04 15.74
N PRO B 38 -14.32 23.02 16.13
CA PRO B 38 -14.38 24.34 15.50
C PRO B 38 -13.01 25.02 15.43
N GLU B 39 -12.22 24.82 16.48
CA GLU B 39 -10.90 25.41 16.54
C GLU B 39 -10.00 24.77 15.48
N PHE B 40 -10.20 23.49 15.25
CA PHE B 40 -9.40 22.80 14.24
C PHE B 40 -9.77 23.30 12.83
N GLN B 41 -11.06 23.45 12.58
CA GLN B 41 -11.55 23.92 11.29
C GLN B 41 -11.08 25.34 11.00
N ALA B 42 -11.21 26.22 11.98
CA ALA B 42 -10.79 27.60 11.84
C ALA B 42 -9.32 27.66 11.46
N GLN B 43 -8.54 26.83 12.13
CA GLN B 43 -7.10 26.77 11.88
C GLN B 43 -6.81 26.28 10.45
N PHE B 44 -7.48 25.20 10.06
CA PHE B 44 -7.32 24.63 8.73
C PHE B 44 -7.70 25.66 7.65
N ALA B 45 -8.89 26.24 7.79
CA ALA B 45 -9.37 27.23 6.83
C ALA B 45 -8.43 28.44 6.77
N ASP B 46 -7.86 28.80 7.92
CA ASP B 46 -6.95 29.94 7.96
C ASP B 46 -5.72 29.70 7.10
N LEU B 47 -5.12 28.53 7.25
CA LEU B 47 -3.95 28.19 6.47
C LEU B 47 -4.29 28.08 4.99
N LEU B 48 -5.45 27.49 4.67
CA LEU B 48 -5.86 27.31 3.28
C LEU B 48 -5.98 28.66 2.59
N LYS B 49 -6.58 29.61 3.29
CA LYS B 49 -6.82 30.95 2.81
C LYS B 49 -5.59 31.85 2.76
N ASN B 50 -4.94 32.09 3.90
CA ASN B 50 -3.79 32.98 4.01
C ASN B 50 -2.43 32.43 3.67
N TYR B 51 -2.32 31.12 3.54
CA TYR B 51 -1.02 30.53 3.21
C TYR B 51 -1.05 29.82 1.85
N ALA B 52 -2.12 29.09 1.58
CA ALA B 52 -2.23 28.32 0.33
C ALA B 52 -2.83 29.10 -0.84
N GLY B 53 -3.70 30.05 -0.54
CA GLY B 53 -4.29 30.85 -1.61
C GLY B 53 -5.74 30.56 -1.96
N ARG B 54 -6.44 29.84 -1.10
CA ARG B 54 -7.84 29.51 -1.37
C ARG B 54 -8.71 30.73 -1.07
N PRO B 55 -9.84 30.87 -1.76
CA PRO B 55 -10.34 29.96 -2.81
C PRO B 55 -9.67 30.23 -4.13
N THR B 56 -9.46 29.18 -4.91
CA THR B 56 -8.87 29.28 -6.22
C THR B 56 -9.95 29.75 -7.18
N ALA B 57 -9.55 30.38 -8.27
CA ALA B 57 -10.49 30.89 -9.25
C ALA B 57 -11.12 29.79 -10.10
N LEU B 58 -12.25 30.14 -10.73
CA LEU B 58 -12.96 29.25 -11.65
C LEU B 58 -12.96 30.05 -12.95
N THR B 59 -12.07 29.69 -13.85
CA THR B 59 -11.91 30.39 -15.11
C THR B 59 -12.74 29.87 -16.27
N LYS B 60 -13.47 30.77 -16.92
CA LYS B 60 -14.26 30.38 -18.09
C LYS B 60 -13.32 30.47 -19.30
N CYS B 61 -13.26 29.40 -20.09
CA CYS B 61 -12.42 29.39 -21.28
C CYS B 61 -13.23 30.06 -22.38
N GLN B 62 -12.69 31.11 -22.99
CA GLN B 62 -13.45 31.78 -24.04
C GLN B 62 -12.96 31.53 -25.46
N ASN B 63 -11.78 30.93 -25.60
CA ASN B 63 -11.27 30.69 -26.94
C ASN B 63 -11.37 29.25 -27.37
N ILE B 64 -10.99 28.36 -26.46
CA ILE B 64 -10.97 26.93 -26.70
C ILE B 64 -12.28 26.32 -27.18
N THR B 65 -13.41 26.85 -26.74
CA THR B 65 -14.70 26.28 -27.13
C THR B 65 -15.42 26.97 -28.31
N ALA B 66 -14.72 27.88 -28.96
CA ALA B 66 -15.28 28.63 -30.09
C ALA B 66 -15.82 27.71 -31.17
N GLY B 67 -17.03 27.98 -31.63
CA GLY B 67 -17.62 27.16 -32.67
C GLY B 67 -18.43 25.96 -32.21
N THR B 68 -18.58 25.81 -30.89
CA THR B 68 -19.34 24.70 -30.35
C THR B 68 -20.32 25.25 -29.34
N ARG B 69 -21.14 24.38 -28.77
CA ARG B 69 -22.12 24.82 -27.78
C ARG B 69 -21.69 24.37 -26.39
N THR B 70 -20.39 24.16 -26.23
CA THR B 70 -19.83 23.75 -24.95
C THR B 70 -19.28 24.96 -24.18
N THR B 71 -19.67 25.10 -22.93
CA THR B 71 -19.14 26.17 -22.07
C THR B 71 -18.20 25.42 -21.13
N LEU B 72 -16.92 25.75 -21.15
CA LEU B 72 -15.94 25.08 -20.31
C LEU B 72 -15.31 26.01 -19.27
N TYR B 73 -15.34 25.55 -18.01
CA TYR B 73 -14.74 26.29 -16.90
C TYR B 73 -13.61 25.45 -16.35
N LEU B 74 -12.56 26.10 -15.86
CA LEU B 74 -11.43 25.38 -15.28
C LEU B 74 -11.27 25.78 -13.81
N LYS B 75 -11.28 24.79 -12.92
CA LYS B 75 -11.09 25.03 -11.48
C LYS B 75 -9.56 25.12 -11.35
N ARG B 76 -9.10 26.31 -10.97
CA ARG B 76 -7.65 26.59 -10.90
C ARG B 76 -6.85 26.18 -9.68
N GLU B 77 -6.61 24.88 -9.54
CA GLU B 77 -5.83 24.40 -8.42
C GLU B 77 -4.39 24.58 -8.79
N ASP B 78 -4.16 24.99 -10.04
CA ASP B 78 -2.80 25.25 -10.51
C ASP B 78 -2.33 26.55 -9.86
N LEU B 79 -3.26 27.33 -9.33
CA LEU B 79 -2.94 28.60 -8.68
C LEU B 79 -2.72 28.45 -7.18
N LEU B 80 -2.78 27.21 -6.69
CA LEU B 80 -2.60 26.92 -5.27
C LEU B 80 -1.10 26.91 -4.94
N HIS B 81 -0.75 27.40 -3.76
CA HIS B 81 0.65 27.41 -3.34
C HIS B 81 1.18 26.00 -3.54
N GLY B 82 2.30 25.88 -4.24
CA GLY B 82 2.87 24.57 -4.51
C GLY B 82 2.61 24.16 -5.96
N GLY B 83 1.63 24.79 -6.59
CA GLY B 83 1.33 24.50 -7.98
C GLY B 83 0.44 23.28 -8.22
N ALA B 84 -0.14 22.72 -7.16
CA ALA B 84 -1.00 21.56 -7.29
C ALA B 84 -1.96 21.46 -6.13
N HIS B 85 -3.04 20.69 -6.32
CA HIS B 85 -4.09 20.48 -5.32
C HIS B 85 -3.63 19.72 -4.06
N LYS B 86 -2.52 19.00 -4.16
CA LYS B 86 -1.99 18.21 -3.05
C LYS B 86 -1.80 18.99 -1.77
N THR B 87 -1.54 20.28 -1.91
CA THR B 87 -1.31 21.15 -0.77
C THR B 87 -2.45 21.19 0.25
N ASN B 88 -3.69 21.17 -0.23
CA ASN B 88 -4.85 21.22 0.66
C ASN B 88 -4.84 20.15 1.75
N GLN B 89 -4.65 18.91 1.33
CA GLN B 89 -4.69 17.78 2.24
C GLN B 89 -3.48 17.63 3.15
N VAL B 90 -2.27 17.92 2.66
CA VAL B 90 -1.09 17.79 3.52
C VAL B 90 -1.14 18.81 4.67
N LEU B 91 -1.79 19.94 4.45
CA LEU B 91 -1.89 20.93 5.50
C LEU B 91 -2.81 20.38 6.59
N GLY B 92 -3.88 19.70 6.17
CA GLY B 92 -4.80 19.13 7.12
C GLY B 92 -4.20 17.95 7.89
N GLN B 93 -3.51 17.07 7.17
CA GLN B 93 -2.90 15.91 7.80
C GLN B 93 -1.81 16.35 8.77
N ALA B 94 -1.18 17.48 8.47
CA ALA B 94 -0.12 18.00 9.32
C ALA B 94 -0.73 18.51 10.62
N LEU B 95 -1.90 19.13 10.54
CA LEU B 95 -2.57 19.63 11.73
C LEU B 95 -3.05 18.44 12.55
N LEU B 96 -3.44 17.37 11.85
CA LEU B 96 -3.91 16.16 12.49
C LEU B 96 -2.74 15.57 13.26
N ALA B 97 -1.58 15.54 12.62
CA ALA B 97 -0.38 14.98 13.24
C ALA B 97 -0.06 15.71 14.55
N LYS B 98 -0.13 17.04 14.52
CA LYS B 98 0.16 17.82 15.72
C LYS B 98 -0.89 17.54 16.79
N ARG B 99 -2.13 17.43 16.36
CA ARG B 99 -3.23 17.17 17.28
C ARG B 99 -3.00 15.87 18.05
N MET B 100 -2.31 14.92 17.41
CA MET B 100 -2.04 13.64 18.05
C MET B 100 -0.74 13.68 18.85
N GLY B 101 -0.02 14.79 18.78
CA GLY B 101 1.23 14.88 19.51
C GLY B 101 2.39 14.31 18.73
N LYS B 102 2.16 14.00 17.45
CA LYS B 102 3.22 13.47 16.59
C LYS B 102 4.16 14.61 16.19
N SER B 103 5.45 14.31 16.07
CA SER B 103 6.43 15.33 15.74
C SER B 103 7.20 15.07 14.46
N GLU B 104 6.98 13.89 13.88
CA GLU B 104 7.66 13.55 12.64
C GLU B 104 6.65 13.20 11.58
N ILE B 105 7.07 13.32 10.32
CA ILE B 105 6.20 13.02 9.19
C ILE B 105 6.90 12.07 8.24
N ILE B 106 6.17 11.06 7.79
CA ILE B 106 6.71 10.12 6.81
C ILE B 106 5.86 10.31 5.56
N ALA B 107 6.50 10.30 4.40
CA ALA B 107 5.78 10.46 3.16
C ALA B 107 6.44 9.70 2.03
N GLU B 108 5.61 9.28 1.08
CA GLU B 108 6.07 8.56 -0.11
C GLU B 108 5.80 9.50 -1.28
N THR B 109 6.59 9.40 -2.34
CA THR B 109 6.37 10.25 -3.49
C THR B 109 6.92 9.59 -4.75
N GLY B 110 6.23 9.81 -5.86
CA GLY B 110 6.67 9.25 -7.12
C GLY B 110 7.29 10.33 -7.98
N ALA B 111 6.43 11.18 -8.54
CA ALA B 111 6.85 12.29 -9.39
C ALA B 111 7.52 13.36 -8.53
N GLY B 112 7.25 13.32 -7.23
CA GLY B 112 7.86 14.28 -6.32
C GLY B 112 6.95 15.37 -5.79
N GLN B 113 5.80 15.56 -6.41
CA GLN B 113 4.90 16.60 -5.96
C GLN B 113 4.38 16.38 -4.56
N HIS B 114 4.05 15.14 -4.20
CA HIS B 114 3.55 14.91 -2.85
C HIS B 114 4.71 15.13 -1.86
N GLY B 115 5.91 14.75 -2.27
CA GLY B 115 7.07 14.94 -1.42
C GLY B 115 7.21 16.42 -1.12
N VAL B 116 7.18 17.24 -2.18
CA VAL B 116 7.32 18.67 -2.02
C VAL B 116 6.24 19.27 -1.13
N ALA B 117 5.01 18.81 -1.31
CA ALA B 117 3.90 19.32 -0.52
C ALA B 117 4.06 18.90 0.95
N SER B 118 4.52 17.68 1.17
CA SER B 118 4.71 17.19 2.53
C SER B 118 5.82 18.01 3.16
N ALA B 119 6.88 18.26 2.41
CA ALA B 119 8.00 19.03 2.93
C ALA B 119 7.61 20.46 3.28
N LEU B 120 6.86 21.13 2.42
CA LEU B 120 6.49 22.50 2.71
C LEU B 120 5.54 22.61 3.90
N ALA B 121 4.67 21.62 4.10
CA ALA B 121 3.74 21.68 5.23
C ALA B 121 4.50 21.42 6.54
N SER B 122 5.51 20.58 6.46
CA SER B 122 6.32 20.23 7.63
C SER B 122 7.15 21.42 8.07
N ALA B 123 7.80 22.06 7.11
CA ALA B 123 8.63 23.22 7.39
C ALA B 123 7.78 24.30 8.04
N LEU B 124 6.58 24.50 7.52
CA LEU B 124 5.69 25.53 8.04
C LEU B 124 5.20 25.25 9.45
N LEU B 125 4.88 23.99 9.72
CA LEU B 125 4.34 23.62 11.01
C LEU B 125 5.33 23.03 12.01
N GLY B 126 6.61 23.09 11.69
CA GLY B 126 7.63 22.58 12.60
C GLY B 126 7.62 21.08 12.85
N LEU B 127 7.53 20.31 11.78
CA LEU B 127 7.52 18.86 11.90
C LEU B 127 8.75 18.38 11.16
N LYS B 128 9.33 17.26 11.60
CA LYS B 128 10.50 16.72 10.91
C LYS B 128 9.98 15.84 9.78
N CYS B 129 10.47 16.09 8.57
CA CYS B 129 10.00 15.33 7.42
C CYS B 129 10.97 14.34 6.81
N ARG B 130 10.48 13.11 6.71
CA ARG B 130 11.21 11.97 6.16
C ARG B 130 10.43 11.58 4.89
N ILE B 131 11.09 11.57 3.73
CA ILE B 131 10.41 11.23 2.48
C ILE B 131 11.01 10.07 1.71
N TYR B 132 10.18 9.08 1.40
CA TYR B 132 10.64 7.91 0.65
C TYR B 132 10.33 8.09 -0.84
N MET B 133 11.32 7.82 -1.66
CA MET B 133 11.19 7.97 -3.10
C MET B 133 11.96 6.86 -3.83
N GLY B 134 11.30 6.24 -4.81
CA GLY B 134 11.95 5.20 -5.57
C GLY B 134 13.19 5.75 -6.25
N ALA B 135 14.29 5.01 -6.16
CA ALA B 135 15.56 5.43 -6.75
C ALA B 135 15.42 5.89 -8.20
N LYS B 136 14.59 5.21 -8.98
CA LYS B 136 14.41 5.58 -10.38
C LYS B 136 13.78 6.98 -10.49
N ASP B 137 12.84 7.28 -9.60
CA ASP B 137 12.18 8.58 -9.59
C ASP B 137 13.11 9.66 -9.07
N VAL B 138 13.91 9.34 -8.06
CA VAL B 138 14.85 10.30 -7.50
C VAL B 138 15.69 10.82 -8.66
N GLU B 139 16.16 9.88 -9.47
CA GLU B 139 16.99 10.18 -10.63
C GLU B 139 16.31 11.06 -11.68
N ARG B 140 15.04 10.79 -11.96
CA ARG B 140 14.29 11.56 -12.95
C ARG B 140 13.61 12.79 -12.39
N GLN B 141 13.63 12.95 -11.07
CA GLN B 141 12.99 14.11 -10.46
C GLN B 141 13.96 14.95 -9.64
N SER B 142 15.13 15.17 -10.22
CA SER B 142 16.18 15.96 -9.59
C SER B 142 15.67 17.29 -9.04
N PRO B 143 14.91 18.06 -9.83
CA PRO B 143 14.37 19.35 -9.36
C PRO B 143 13.51 19.25 -8.09
N ASN B 144 12.56 18.33 -8.08
CA ASN B 144 11.69 18.17 -6.92
C ASN B 144 12.49 17.72 -5.70
N VAL B 145 13.54 16.92 -5.92
CA VAL B 145 14.37 16.46 -4.82
C VAL B 145 15.10 17.63 -4.17
N PHE B 146 15.68 18.51 -5.00
CA PHE B 146 16.38 19.66 -4.46
C PHE B 146 15.38 20.54 -3.71
N ARG B 147 14.18 20.66 -4.25
CA ARG B 147 13.13 21.45 -3.62
C ARG B 147 12.83 20.90 -2.23
N MET B 148 12.71 19.58 -2.13
CA MET B 148 12.42 18.93 -0.84
C MET B 148 13.55 19.18 0.15
N ARG B 149 14.79 18.95 -0.30
CA ARG B 149 15.95 19.17 0.55
C ARG B 149 15.98 20.64 0.99
N LEU B 150 15.80 21.54 0.03
CA LEU B 150 15.80 22.99 0.29
C LEU B 150 14.86 23.36 1.42
N MET B 151 13.81 22.56 1.59
CA MET B 151 12.82 22.81 2.64
C MET B 151 13.09 22.02 3.91
N GLY B 152 14.29 21.44 3.98
CA GLY B 152 14.67 20.70 5.16
C GLY B 152 14.18 19.28 5.28
N ALA B 153 13.64 18.72 4.22
CA ALA B 153 13.15 17.35 4.28
C ALA B 153 14.24 16.35 3.92
N GLU B 154 14.19 15.20 4.56
CA GLU B 154 15.16 14.14 4.31
C GLU B 154 14.61 13.29 3.19
N VAL B 155 15.38 13.09 2.13
CA VAL B 155 14.91 12.29 1.01
C VAL B 155 15.69 10.98 0.97
N ILE B 156 14.98 9.88 1.18
CA ILE B 156 15.60 8.56 1.20
C ILE B 156 15.24 7.72 -0.04
N PRO B 157 16.22 7.40 -0.87
CA PRO B 157 15.96 6.59 -2.07
C PRO B 157 15.59 5.14 -1.73
N VAL B 158 14.71 4.55 -2.53
CA VAL B 158 14.29 3.17 -2.34
C VAL B 158 14.69 2.35 -3.57
N HIS B 159 15.71 1.51 -3.40
CA HIS B 159 16.23 0.68 -4.47
C HIS B 159 15.60 -0.71 -4.60
N SER B 160 14.66 -1.02 -3.72
CA SER B 160 14.00 -2.33 -3.73
C SER B 160 12.87 -2.42 -4.75
N GLY B 161 12.61 -3.64 -5.21
CA GLY B 161 11.54 -3.86 -6.18
C GLY B 161 11.82 -3.21 -7.50
N SER B 162 10.86 -2.44 -7.99
CA SER B 162 11.00 -1.72 -9.26
C SER B 162 11.66 -0.36 -9.03
N ALA B 163 11.82 0.01 -7.75
CA ALA B 163 12.43 1.28 -7.35
C ALA B 163 11.61 2.47 -7.84
N THR B 164 10.29 2.34 -7.76
CA THR B 164 9.41 3.42 -8.16
C THR B 164 8.44 3.70 -7.02
N LEU B 165 7.29 4.32 -7.33
CA LEU B 165 6.33 4.68 -6.30
C LEU B 165 5.78 3.56 -5.41
N LYS B 166 5.42 2.42 -5.98
CA LYS B 166 4.87 1.34 -5.16
C LYS B 166 5.88 0.86 -4.12
N ASP B 167 7.16 0.86 -4.49
CA ASP B 167 8.23 0.43 -3.61
C ASP B 167 8.46 1.47 -2.51
N ALA B 168 8.22 2.74 -2.83
CA ALA B 168 8.36 3.81 -1.85
C ALA B 168 7.19 3.67 -0.86
N CYS B 169 6.01 3.30 -1.36
CA CYS B 169 4.84 3.12 -0.50
C CYS B 169 5.12 2.01 0.51
N ASN B 170 5.84 0.98 0.07
CA ASN B 170 6.20 -0.16 0.93
C ASN B 170 7.13 0.28 2.06
N GLU B 171 8.18 1.00 1.69
CA GLU B 171 9.17 1.48 2.65
C GLU B 171 8.56 2.40 3.70
N ALA B 172 7.62 3.25 3.30
CA ALA B 172 6.98 4.14 4.23
C ALA B 172 6.20 3.34 5.28
N LEU B 173 5.49 2.30 4.82
CA LEU B 173 4.72 1.47 5.75
C LEU B 173 5.65 0.68 6.67
N ARG B 174 6.77 0.22 6.11
CA ARG B 174 7.75 -0.52 6.89
C ARG B 174 8.25 0.41 8.01
N ASP B 175 8.68 1.60 7.63
CA ASP B 175 9.18 2.60 8.57
C ASP B 175 8.12 2.86 9.64
N TRP B 176 6.91 3.19 9.21
CA TRP B 176 5.81 3.48 10.12
C TRP B 176 5.46 2.36 11.10
N SER B 177 5.55 1.11 10.65
CA SER B 177 5.22 -0.02 11.52
C SER B 177 6.10 -0.03 12.77
N GLY B 178 7.26 0.61 12.66
CA GLY B 178 8.18 0.67 13.78
C GLY B 178 8.26 2.02 14.47
N SER B 179 7.76 3.08 13.83
CA SER B 179 7.84 4.41 14.42
C SER B 179 6.52 5.14 14.63
N TYR B 180 5.41 4.44 14.44
CA TYR B 180 4.10 5.07 14.58
C TYR B 180 3.89 5.86 15.86
N GLU B 181 4.69 5.58 16.88
CA GLU B 181 4.53 6.27 18.15
C GLU B 181 4.85 7.76 18.14
N THR B 182 5.88 8.14 17.39
CA THR B 182 6.26 9.54 17.29
C THR B 182 6.03 10.15 15.90
N ALA B 183 5.87 9.29 14.89
CA ALA B 183 5.67 9.75 13.52
C ALA B 183 4.29 9.49 12.94
N HIS B 184 3.88 10.32 11.99
CA HIS B 184 2.60 10.15 11.32
C HIS B 184 2.87 9.92 9.83
N TYR B 185 2.18 8.95 9.26
CA TYR B 185 2.37 8.64 7.85
C TYR B 185 1.43 9.51 7.01
N MET B 186 2.00 10.46 6.28
CA MET B 186 1.20 11.38 5.46
C MET B 186 1.01 10.79 4.06
N LEU B 187 0.06 9.86 3.93
CA LEU B 187 -0.25 9.21 2.65
C LEU B 187 -0.64 10.26 1.61
N GLY B 188 -0.14 10.10 0.38
CA GLY B 188 -0.39 11.08 -0.66
C GLY B 188 -1.64 11.06 -1.53
N THR B 189 -2.51 10.08 -1.37
CA THR B 189 -3.71 10.05 -2.19
C THR B 189 -4.91 9.51 -1.45
N ALA B 190 -6.08 9.52 -2.08
CA ALA B 190 -7.28 9.02 -1.43
C ALA B 190 -7.36 7.51 -1.55
N ALA B 191 -6.30 6.83 -1.12
CA ALA B 191 -6.23 5.36 -1.16
C ALA B 191 -5.53 4.84 0.10
N GLY B 192 -5.21 3.55 0.10
CA GLY B 192 -4.57 2.96 1.26
C GLY B 192 -5.60 2.47 2.26
N PRO B 193 -5.17 2.13 3.48
CA PRO B 193 -6.09 1.64 4.50
C PRO B 193 -6.96 2.73 5.11
N HIS B 194 -8.15 2.35 5.55
CA HIS B 194 -9.03 3.28 6.19
C HIS B 194 -8.20 3.78 7.38
N PRO B 195 -8.38 5.05 7.79
CA PRO B 195 -9.28 6.07 7.25
C PRO B 195 -8.69 7.04 6.23
N TYR B 196 -7.56 6.70 5.62
CA TYR B 196 -6.95 7.62 4.66
C TYR B 196 -7.86 8.03 3.48
N PRO B 197 -8.54 7.06 2.84
CA PRO B 197 -9.42 7.43 1.71
C PRO B 197 -10.44 8.46 2.13
N THR B 198 -10.95 8.31 3.35
CA THR B 198 -11.95 9.21 3.89
C THR B 198 -11.37 10.55 4.32
N ILE B 199 -10.19 10.52 4.93
CA ILE B 199 -9.53 11.73 5.41
C ILE B 199 -9.09 12.60 4.25
N VAL B 200 -8.36 12.01 3.30
CA VAL B 200 -7.87 12.76 2.15
C VAL B 200 -9.00 13.40 1.34
N ARG B 201 -10.15 12.72 1.25
CA ARG B 201 -11.27 13.27 0.52
C ARG B 201 -11.81 14.49 1.27
N GLU B 202 -11.99 14.35 2.58
CA GLU B 202 -12.53 15.45 3.37
C GLU B 202 -11.59 16.66 3.38
N PHE B 203 -10.30 16.40 3.24
CA PHE B 203 -9.32 17.48 3.21
C PHE B 203 -9.10 18.05 1.80
N GLN B 204 -9.81 17.50 0.81
CA GLN B 204 -9.70 17.96 -0.58
C GLN B 204 -11.09 18.42 -1.04
N ARG B 205 -12.08 18.16 -0.20
CA ARG B 205 -13.48 18.48 -0.46
C ARG B 205 -13.82 19.95 -0.79
N MET B 206 -12.96 20.90 -0.37
CA MET B 206 -13.23 22.31 -0.63
C MET B 206 -13.15 22.63 -2.13
N ILE B 207 -12.47 21.78 -2.90
CA ILE B 207 -12.37 22.00 -4.33
C ILE B 207 -13.77 21.96 -4.95
N GLY B 208 -14.52 20.91 -4.63
CA GLY B 208 -15.87 20.76 -5.15
C GLY B 208 -16.86 21.74 -4.55
N GLU B 209 -16.68 22.06 -3.26
CA GLU B 209 -17.59 23.01 -2.60
C GLU B 209 -17.42 24.40 -3.20
N GLU B 210 -16.18 24.78 -3.49
CA GLU B 210 -15.91 26.08 -4.07
C GLU B 210 -16.50 26.14 -5.49
N THR B 211 -16.19 25.13 -6.29
CA THR B 211 -16.70 25.03 -7.66
C THR B 211 -18.21 25.20 -7.72
N LYS B 212 -18.93 24.46 -6.89
CA LYS B 212 -20.38 24.55 -6.88
C LYS B 212 -20.89 25.96 -6.64
N ALA B 213 -20.38 26.60 -5.61
CA ALA B 213 -20.80 27.96 -5.30
C ALA B 213 -20.38 28.93 -6.41
N GLN B 214 -19.20 28.68 -6.97
CA GLN B 214 -18.68 29.54 -8.02
C GLN B 214 -19.47 29.41 -9.34
N ILE B 215 -19.82 28.18 -9.71
CA ILE B 215 -20.60 27.95 -10.94
C ILE B 215 -22.02 28.48 -10.76
N LEU B 216 -22.60 28.29 -9.58
CA LEU B 216 -23.95 28.74 -9.30
C LEU B 216 -24.00 30.25 -9.43
N ASP B 217 -22.89 30.87 -9.04
CA ASP B 217 -22.79 32.32 -9.09
C ASP B 217 -22.63 32.83 -10.52
N LYS B 218 -21.76 32.19 -11.30
CA LYS B 218 -21.50 32.63 -12.66
C LYS B 218 -22.51 32.16 -13.71
N GLU B 219 -23.06 30.96 -13.55
CA GLU B 219 -24.01 30.41 -14.52
C GLU B 219 -25.42 30.21 -14.00
N GLY B 220 -25.63 30.43 -12.71
CA GLY B 220 -26.94 30.26 -12.14
C GLY B 220 -27.41 28.81 -12.14
N ARG B 221 -26.51 27.88 -12.45
CA ARG B 221 -26.88 26.47 -12.47
C ARG B 221 -25.70 25.54 -12.29
N LEU B 222 -25.98 24.29 -11.92
CA LEU B 222 -24.95 23.27 -11.71
C LEU B 222 -24.45 22.79 -13.06
N PRO B 223 -23.18 22.38 -13.12
CA PRO B 223 -22.64 21.90 -14.39
C PRO B 223 -23.32 20.62 -14.86
N ASP B 224 -23.15 20.30 -16.14
CA ASP B 224 -23.72 19.07 -16.65
C ASP B 224 -22.77 17.96 -16.23
N ALA B 225 -21.48 18.29 -16.18
CA ALA B 225 -20.48 17.32 -15.79
C ALA B 225 -19.22 18.00 -15.27
N VAL B 226 -18.56 17.35 -14.31
CA VAL B 226 -17.29 17.84 -13.77
C VAL B 226 -16.32 16.71 -14.09
N ILE B 227 -15.15 17.07 -14.59
CA ILE B 227 -14.15 16.10 -15.02
C ILE B 227 -12.82 16.26 -14.30
N ALA B 228 -12.18 15.14 -13.95
CA ALA B 228 -10.91 15.17 -13.22
C ALA B 228 -10.07 13.96 -13.55
N CYS B 229 -8.76 14.12 -13.60
CA CYS B 229 -7.89 12.99 -13.89
C CYS B 229 -7.82 12.15 -12.62
N VAL B 230 -7.48 10.88 -12.76
CA VAL B 230 -7.40 10.00 -11.61
C VAL B 230 -6.09 9.24 -11.62
N GLY B 231 -5.20 9.58 -10.68
CA GLY B 231 -3.94 8.87 -10.56
C GLY B 231 -4.20 7.90 -9.40
N GLY B 232 -4.47 8.48 -8.23
CA GLY B 232 -4.78 7.71 -7.04
C GLY B 232 -6.20 8.08 -6.67
N GLY B 233 -6.63 9.28 -7.07
CA GLY B 233 -7.99 9.69 -6.81
C GLY B 233 -8.29 10.89 -5.94
N SER B 234 -7.27 11.56 -5.39
CA SER B 234 -7.55 12.68 -4.51
C SER B 234 -8.12 13.94 -5.16
N ASN B 235 -7.49 14.46 -6.22
CA ASN B 235 -8.08 15.66 -6.83
C ASN B 235 -9.51 15.36 -7.34
N ALA B 236 -9.68 14.17 -7.92
CA ALA B 236 -11.00 13.78 -8.45
C ALA B 236 -12.06 13.71 -7.38
N ILE B 237 -11.81 12.93 -6.32
CA ILE B 237 -12.82 12.81 -5.25
C ILE B 237 -13.02 14.17 -4.57
N GLY B 238 -11.97 14.98 -4.52
CA GLY B 238 -12.10 16.29 -3.91
C GLY B 238 -13.10 17.10 -4.69
N MET B 239 -13.08 16.94 -6.02
CA MET B 239 -14.00 17.66 -6.88
C MET B 239 -15.40 17.05 -6.84
N PHE B 240 -15.46 15.71 -6.86
CA PHE B 240 -16.75 15.00 -6.85
C PHE B 240 -17.60 15.12 -5.60
N ALA B 241 -16.96 14.90 -4.44
CA ALA B 241 -17.63 14.90 -3.14
C ALA B 241 -18.90 15.70 -3.00
N ASP B 242 -18.79 17.02 -3.14
CA ASP B 242 -19.94 17.89 -2.98
C ASP B 242 -21.04 17.78 -4.05
N PHE B 243 -20.77 17.06 -5.13
CA PHE B 243 -21.77 16.91 -6.20
C PHE B 243 -22.45 15.54 -6.21
N ILE B 244 -21.90 14.60 -5.45
CA ILE B 244 -22.42 13.24 -5.43
C ILE B 244 -23.93 13.14 -5.26
N ASN B 245 -24.52 13.97 -4.42
CA ASN B 245 -25.96 13.93 -4.21
C ASN B 245 -26.76 14.70 -5.24
N ASP B 246 -26.07 15.49 -6.07
CA ASP B 246 -26.74 16.24 -7.13
C ASP B 246 -26.70 15.28 -8.31
N THR B 247 -27.63 14.35 -8.33
CA THR B 247 -27.64 13.33 -9.37
C THR B 247 -27.63 13.83 -10.80
N SER B 248 -28.10 15.06 -11.04
CA SER B 248 -28.10 15.60 -12.40
C SER B 248 -26.69 15.92 -12.90
N VAL B 249 -25.74 16.00 -11.98
CA VAL B 249 -24.36 16.33 -12.36
C VAL B 249 -23.54 15.09 -12.63
N GLY B 250 -23.00 14.98 -13.84
CA GLY B 250 -22.18 13.84 -14.20
C GLY B 250 -20.81 13.94 -13.55
N LEU B 251 -20.26 12.80 -13.14
CA LEU B 251 -18.95 12.79 -12.50
C LEU B 251 -18.13 11.91 -13.42
N ILE B 252 -17.07 12.49 -13.98
CA ILE B 252 -16.23 11.73 -14.89
C ILE B 252 -14.78 11.71 -14.48
N GLY B 253 -14.25 10.49 -14.32
CA GLY B 253 -12.86 10.30 -13.95
C GLY B 253 -12.08 9.80 -15.15
N VAL B 254 -10.90 10.37 -15.35
CA VAL B 254 -10.05 10.01 -16.47
C VAL B 254 -8.73 9.39 -16.04
N GLU B 255 -8.52 8.14 -16.38
CA GLU B 255 -7.29 7.47 -16.04
C GLU B 255 -6.37 7.57 -17.25
N PRO B 256 -5.05 7.48 -17.02
CA PRO B 256 -4.16 7.58 -18.17
C PRO B 256 -4.18 6.30 -19.01
N GLY B 257 -4.29 6.45 -20.32
CA GLY B 257 -4.31 5.29 -21.20
C GLY B 257 -2.94 5.01 -21.79
N GLY B 258 -1.96 5.80 -21.37
CA GLY B 258 -0.60 5.62 -21.85
C GLY B 258 -0.48 5.52 -23.36
N HIS B 259 0.18 4.47 -23.84
CA HIS B 259 0.37 4.26 -25.27
C HIS B 259 -0.89 3.66 -25.87
N GLY B 260 -1.88 3.41 -25.02
CA GLY B 260 -3.12 2.82 -25.50
C GLY B 260 -3.46 1.61 -24.66
N ILE B 261 -4.73 1.47 -24.31
CA ILE B 261 -5.16 0.35 -23.49
C ILE B 261 -4.75 -0.99 -24.07
N GLU B 262 -5.03 -1.18 -25.35
CA GLU B 262 -4.71 -2.43 -26.03
C GLU B 262 -3.22 -2.78 -26.06
N THR B 263 -2.36 -1.80 -25.82
CA THR B 263 -0.92 -2.02 -25.83
C THR B 263 -0.46 -2.58 -24.50
N GLY B 264 -1.33 -2.47 -23.50
CA GLY B 264 -0.99 -2.96 -22.17
C GLY B 264 -0.19 -1.94 -21.40
N GLU B 265 0.30 -0.90 -22.08
CA GLU B 265 1.09 0.13 -21.42
C GLU B 265 0.25 1.34 -21.05
N HIS B 266 -0.50 1.19 -19.96
CA HIS B 266 -1.39 2.24 -19.46
C HIS B 266 -1.33 2.35 -17.93
N GLY B 267 -2.26 3.11 -17.37
CA GLY B 267 -2.34 3.29 -15.94
C GLY B 267 -3.79 3.45 -15.57
N ALA B 268 -4.63 2.58 -16.15
CA ALA B 268 -6.06 2.63 -15.91
C ALA B 268 -6.55 1.37 -15.24
N PRO B 269 -6.15 1.14 -13.97
CA PRO B 269 -6.54 -0.04 -13.20
C PRO B 269 -8.04 -0.11 -12.91
N LEU B 270 -8.68 1.04 -12.70
CA LEU B 270 -10.10 1.04 -12.39
C LEU B 270 -10.94 0.36 -13.46
N LYS B 271 -10.67 0.67 -14.73
CA LYS B 271 -11.44 0.06 -15.82
C LYS B 271 -10.72 -1.08 -16.53
N HIS B 272 -9.41 -1.20 -16.34
CA HIS B 272 -8.68 -2.25 -17.03
C HIS B 272 -7.72 -3.05 -16.18
N GLY B 273 -7.99 -3.09 -14.88
CA GLY B 273 -7.17 -3.85 -13.97
C GLY B 273 -8.05 -4.89 -13.31
N ARG B 274 -7.56 -5.52 -12.25
CA ARG B 274 -8.36 -6.52 -11.56
C ARG B 274 -8.27 -6.29 -10.04
N VAL B 275 -9.38 -6.48 -9.35
CA VAL B 275 -9.39 -6.30 -7.90
C VAL B 275 -8.35 -7.17 -7.20
N GLY B 276 -7.62 -6.55 -6.29
CA GLY B 276 -6.59 -7.25 -5.54
C GLY B 276 -6.53 -6.63 -4.17
N ILE B 277 -5.61 -7.09 -3.34
CA ILE B 277 -5.45 -6.54 -2.01
C ILE B 277 -4.00 -6.09 -1.91
N TYR B 278 -3.81 -4.79 -1.78
CA TYR B 278 -2.48 -4.24 -1.69
C TYR B 278 -2.50 -2.83 -1.13
N PHE B 279 -1.36 -2.40 -0.62
CA PHE B 279 -1.24 -1.09 0.00
C PHE B 279 -2.36 -0.88 1.00
N GLY B 280 -2.65 -1.92 1.78
CA GLY B 280 -3.66 -1.84 2.81
C GLY B 280 -5.11 -1.70 2.40
N MET B 281 -5.42 -2.06 1.15
CA MET B 281 -6.79 -1.93 0.69
C MET B 281 -7.17 -2.93 -0.40
N LYS B 282 -8.47 -3.15 -0.53
CA LYS B 282 -9.02 -4.02 -1.58
C LYS B 282 -9.55 -3.06 -2.66
N ALA B 283 -8.89 -3.05 -3.81
CA ALA B 283 -9.27 -2.18 -4.92
C ALA B 283 -8.69 -2.74 -6.22
N PRO B 284 -9.17 -2.23 -7.37
CA PRO B 284 -8.63 -2.72 -8.64
C PRO B 284 -7.19 -2.23 -8.80
N MET B 285 -6.33 -3.04 -9.40
CA MET B 285 -4.97 -2.60 -9.59
C MET B 285 -4.27 -3.22 -10.76
N MET B 286 -3.07 -2.72 -11.03
CA MET B 286 -2.24 -3.24 -12.11
C MET B 286 -1.49 -4.42 -11.51
N GLN B 287 -1.83 -5.62 -11.93
CA GLN B 287 -1.13 -6.80 -11.42
C GLN B 287 -1.07 -7.87 -12.48
N THR B 288 -0.08 -8.76 -12.38
CA THR B 288 0.06 -9.84 -13.33
C THR B 288 -1.04 -10.89 -13.09
N ALA B 289 -1.08 -11.92 -13.92
CA ALA B 289 -2.08 -12.96 -13.76
C ALA B 289 -1.81 -13.74 -12.48
N ASP B 290 -0.56 -13.63 -12.01
CA ASP B 290 -0.05 -14.29 -10.80
C ASP B 290 -0.39 -13.54 -9.52
N GLY B 291 -0.74 -12.26 -9.64
CA GLY B 291 -1.05 -11.49 -8.45
C GLY B 291 0.11 -10.61 -8.02
N GLN B 292 1.14 -10.51 -8.85
CA GLN B 292 2.27 -9.65 -8.54
C GLN B 292 1.88 -8.23 -9.00
N ILE B 293 2.11 -7.23 -8.16
CA ILE B 293 1.75 -5.86 -8.49
C ILE B 293 2.67 -5.23 -9.55
N GLU B 294 2.05 -4.55 -10.51
CA GLU B 294 2.77 -3.90 -11.61
C GLU B 294 2.64 -2.39 -11.58
N GLU B 295 3.56 -1.73 -12.29
CA GLU B 295 3.58 -0.28 -12.37
C GLU B 295 2.54 0.26 -13.36
N SER B 296 2.16 1.51 -13.15
CA SER B 296 1.21 2.17 -14.04
C SER B 296 2.09 2.97 -14.99
N TYR B 297 1.77 3.00 -16.27
CA TYR B 297 2.57 3.79 -17.20
C TYR B 297 1.77 4.97 -17.74
N SER B 298 2.44 6.10 -17.91
CA SER B 298 1.82 7.30 -18.45
C SER B 298 2.87 8.36 -18.76
N ILE B 299 2.59 9.21 -19.73
CA ILE B 299 3.52 10.27 -20.11
C ILE B 299 3.65 11.22 -18.91
N SER B 300 2.58 11.36 -18.14
CA SER B 300 2.63 12.20 -16.96
C SER B 300 3.03 11.33 -15.77
N ALA B 301 4.17 11.67 -15.16
CA ALA B 301 4.72 10.94 -14.03
C ALA B 301 3.83 10.93 -12.79
N GLY B 302 2.98 11.95 -12.63
CA GLY B 302 2.13 12.04 -11.46
C GLY B 302 0.89 11.16 -11.43
N LEU B 303 0.73 10.30 -12.43
CA LEU B 303 -0.41 9.40 -12.47
C LEU B 303 0.17 7.99 -12.42
N ASP B 304 1.23 7.82 -11.63
CA ASP B 304 1.92 6.54 -11.50
C ASP B 304 1.40 5.52 -10.47
N PHE B 305 0.38 5.88 -9.68
CA PHE B 305 -0.15 4.94 -8.69
C PHE B 305 -0.78 3.76 -9.41
N PRO B 306 -0.25 2.55 -9.18
CA PRO B 306 -0.73 1.31 -9.81
C PRO B 306 -2.11 0.81 -9.39
N SER B 307 -2.82 1.61 -8.59
CA SER B 307 -4.15 1.23 -8.17
C SER B 307 -5.04 2.47 -8.18
N VAL B 308 -6.12 2.48 -7.42
CA VAL B 308 -7.00 3.63 -7.41
C VAL B 308 -7.78 3.66 -6.10
N GLY B 309 -8.19 4.85 -5.69
CA GLY B 309 -8.97 4.97 -4.47
C GLY B 309 -10.23 4.12 -4.50
N PRO B 310 -10.59 3.48 -3.38
CA PRO B 310 -11.76 2.60 -3.23
C PRO B 310 -13.10 3.28 -3.45
N GLN B 311 -13.24 4.54 -3.07
CA GLN B 311 -14.52 5.22 -3.28
C GLN B 311 -14.80 5.39 -4.77
N HIS B 312 -13.75 5.44 -5.59
CA HIS B 312 -13.91 5.58 -7.03
C HIS B 312 -14.40 4.23 -7.61
N ALA B 313 -13.74 3.14 -7.21
CA ALA B 313 -14.12 1.81 -7.67
C ALA B 313 -15.58 1.59 -7.31
N TYR B 314 -15.99 2.13 -6.18
CA TYR B 314 -17.35 2.01 -5.71
C TYR B 314 -18.33 2.86 -6.50
N LEU B 315 -18.02 4.14 -6.67
CA LEU B 315 -18.88 5.06 -7.42
C LEU B 315 -19.11 4.51 -8.83
N ASN B 316 -18.08 3.90 -9.40
CA ASN B 316 -18.17 3.31 -10.72
C ASN B 316 -19.13 2.12 -10.74
N SER B 317 -18.93 1.19 -9.81
CA SER B 317 -19.76 0.01 -9.75
C SER B 317 -21.25 0.30 -9.64
N ILE B 318 -21.62 1.34 -8.90
CA ILE B 318 -23.03 1.65 -8.78
C ILE B 318 -23.49 2.63 -9.88
N GLY B 319 -22.60 2.90 -10.83
CA GLY B 319 -22.92 3.79 -11.92
C GLY B 319 -23.13 5.25 -11.58
N ARG B 320 -22.64 5.72 -10.44
CA ARG B 320 -22.80 7.14 -10.09
C ARG B 320 -21.79 7.99 -10.87
N ALA B 321 -20.61 7.41 -11.12
CA ALA B 321 -19.53 8.08 -11.83
C ALA B 321 -19.03 7.20 -12.97
N ASP B 322 -18.55 7.84 -14.04
CA ASP B 322 -18.02 7.12 -15.19
C ASP B 322 -16.55 7.38 -15.30
N TYR B 323 -15.80 6.37 -15.73
CA TYR B 323 -14.37 6.52 -15.86
C TYR B 323 -13.97 6.17 -17.27
N VAL B 324 -13.10 7.01 -17.84
CA VAL B 324 -12.63 6.82 -19.20
C VAL B 324 -11.13 6.95 -19.16
N SER B 325 -10.47 6.77 -20.31
CA SER B 325 -9.02 6.95 -20.36
C SER B 325 -8.65 7.89 -21.51
N ILE B 326 -7.45 8.43 -21.42
CA ILE B 326 -6.93 9.35 -22.41
C ILE B 326 -5.48 8.97 -22.62
N THR B 327 -5.09 8.83 -23.87
CA THR B 327 -3.72 8.46 -24.18
C THR B 327 -2.73 9.61 -24.04
N ASP B 328 -1.44 9.27 -24.07
CA ASP B 328 -0.37 10.26 -23.98
C ASP B 328 -0.58 11.34 -25.05
N ASP B 329 -0.71 10.91 -26.30
CA ASP B 329 -0.90 11.84 -27.41
C ASP B 329 -2.10 12.75 -27.25
N GLU B 330 -3.20 12.22 -26.74
CA GLU B 330 -4.37 13.07 -26.54
C GLU B 330 -4.10 14.08 -25.44
N ALA B 331 -3.37 13.67 -24.40
CA ALA B 331 -3.04 14.58 -23.28
C ALA B 331 -2.10 15.66 -23.80
N LEU B 332 -1.14 15.25 -24.64
CA LEU B 332 -0.20 16.20 -25.22
C LEU B 332 -0.94 17.28 -26.01
N GLU B 333 -1.80 16.86 -26.93
CA GLU B 333 -2.56 17.80 -27.74
C GLU B 333 -3.35 18.77 -26.88
N ALA B 334 -3.96 18.26 -25.80
CA ALA B 334 -4.75 19.12 -24.91
C ALA B 334 -3.83 20.12 -24.21
N PHE B 335 -2.63 19.67 -23.87
CA PHE B 335 -1.63 20.51 -23.22
C PHE B 335 -1.27 21.71 -24.13
N LYS B 336 -0.92 21.42 -25.37
CA LYS B 336 -0.57 22.45 -26.35
C LYS B 336 -1.72 23.41 -26.59
N THR B 337 -2.91 22.86 -26.78
CA THR B 337 -4.10 23.67 -27.02
C THR B 337 -4.44 24.67 -25.91
N LEU B 338 -4.20 24.29 -24.67
CA LEU B 338 -4.51 25.22 -23.60
C LEU B 338 -3.47 26.34 -23.53
N CYS B 339 -2.21 26.02 -23.78
CA CYS B 339 -1.16 27.03 -23.72
C CYS B 339 -1.45 28.11 -24.77
N ARG B 340 -1.69 27.65 -25.99
CA ARG B 340 -1.94 28.51 -27.13
C ARG B 340 -3.22 29.33 -27.16
N HIS B 341 -4.32 28.81 -26.62
CA HIS B 341 -5.57 29.56 -26.67
C HIS B 341 -6.04 30.22 -25.39
N GLU B 342 -5.49 29.83 -24.25
CA GLU B 342 -5.91 30.41 -22.97
C GLU B 342 -4.74 30.98 -22.16
N GLY B 343 -3.52 30.70 -22.61
CA GLY B 343 -2.36 31.19 -21.91
C GLY B 343 -2.11 30.55 -20.55
N ILE B 344 -2.53 29.29 -20.43
CA ILE B 344 -2.36 28.53 -19.21
C ILE B 344 -1.62 27.24 -19.53
N ILE B 345 -0.52 27.01 -18.84
CA ILE B 345 0.26 25.79 -19.02
C ILE B 345 -0.28 24.81 -17.97
N PRO B 346 -0.97 23.75 -18.41
CA PRO B 346 -1.52 22.76 -17.47
C PRO B 346 -0.55 21.61 -17.20
N ALA B 347 -0.71 20.97 -16.05
CA ALA B 347 0.12 19.82 -15.71
C ALA B 347 -0.26 18.74 -16.73
N LEU B 348 0.67 17.88 -17.11
CA LEU B 348 0.33 16.82 -18.05
C LEU B 348 -0.75 15.93 -17.40
N GLU B 349 -0.79 15.90 -16.07
CA GLU B 349 -1.77 15.10 -15.36
C GLU B 349 -3.16 15.65 -15.66
N SER B 350 -3.33 16.95 -15.41
CA SER B 350 -4.61 17.61 -15.63
C SER B 350 -5.01 17.61 -17.10
N SER B 351 -4.03 17.59 -17.99
CA SER B 351 -4.29 17.58 -19.43
C SER B 351 -5.14 16.37 -19.87
N HIS B 352 -5.10 15.30 -19.07
CA HIS B 352 -5.86 14.09 -19.38
C HIS B 352 -7.32 14.45 -19.18
N ALA B 353 -7.60 15.20 -18.13
CA ALA B 353 -8.96 15.61 -17.85
C ALA B 353 -9.41 16.60 -18.95
N LEU B 354 -8.55 17.55 -19.28
CA LEU B 354 -8.88 18.53 -20.32
C LEU B 354 -9.13 17.84 -21.67
N ALA B 355 -8.25 16.92 -22.04
CA ALA B 355 -8.40 16.20 -23.30
C ALA B 355 -9.76 15.52 -23.43
N HIS B 356 -10.30 15.00 -22.32
CA HIS B 356 -11.59 14.35 -22.42
C HIS B 356 -12.70 15.37 -22.63
N ALA B 357 -12.59 16.53 -21.98
CA ALA B 357 -13.60 17.58 -22.14
C ALA B 357 -13.58 18.03 -23.61
N LEU B 358 -12.37 18.16 -24.15
CA LEU B 358 -12.18 18.56 -25.53
C LEU B 358 -12.86 17.55 -26.46
N LYS B 359 -12.73 16.26 -26.15
CA LYS B 359 -13.33 15.19 -26.94
C LYS B 359 -14.87 15.26 -26.88
N MET B 360 -15.41 15.52 -25.70
CA MET B 360 -16.87 15.63 -25.57
C MET B 360 -17.40 16.77 -26.42
N MET B 361 -16.64 17.87 -26.42
CA MET B 361 -17.00 19.05 -27.19
C MET B 361 -16.90 18.78 -28.69
N ARG B 362 -15.74 18.33 -29.13
CA ARG B 362 -15.48 18.06 -30.53
C ARG B 362 -16.34 16.98 -31.20
N GLU B 363 -16.67 15.91 -30.48
CA GLU B 363 -17.46 14.82 -31.02
C GLU B 363 -18.92 15.21 -31.24
N GLN B 364 -19.41 16.15 -30.45
CA GLN B 364 -20.79 16.60 -30.57
C GLN B 364 -20.82 18.10 -30.32
N PRO B 365 -20.32 18.88 -31.28
CA PRO B 365 -20.22 20.34 -31.26
C PRO B 365 -21.51 21.11 -31.09
N GLU B 366 -22.63 20.52 -31.46
CA GLU B 366 -23.91 21.21 -31.31
C GLU B 366 -24.59 20.82 -30.00
N LYS B 367 -23.94 19.96 -29.23
CA LYS B 367 -24.54 19.58 -27.96
C LYS B 367 -24.27 20.69 -26.96
N GLU B 368 -25.33 21.15 -26.32
CA GLU B 368 -25.20 22.19 -25.33
C GLU B 368 -24.78 21.56 -24.01
N GLN B 369 -23.59 21.90 -23.52
CA GLN B 369 -23.14 21.35 -22.26
C GLN B 369 -22.28 22.32 -21.46
N LEU B 370 -22.49 22.32 -20.15
CA LEU B 370 -21.75 23.15 -19.21
C LEU B 370 -20.78 22.22 -18.50
N LEU B 371 -19.50 22.31 -18.86
CA LEU B 371 -18.48 21.46 -18.28
C LEU B 371 -17.48 22.20 -17.38
N VAL B 372 -17.00 21.47 -16.37
CA VAL B 372 -15.99 21.97 -15.44
C VAL B 372 -14.87 20.94 -15.38
N VAL B 373 -13.66 21.37 -15.68
CA VAL B 373 -12.50 20.48 -15.62
C VAL B 373 -11.68 20.94 -14.41
N ASN B 374 -11.21 19.98 -13.61
CA ASN B 374 -10.42 20.30 -12.44
C ASN B 374 -8.98 20.41 -12.92
N LEU B 375 -8.45 21.63 -12.97
CA LEU B 375 -7.06 21.81 -13.40
C LEU B 375 -6.24 21.60 -12.12
N SER B 376 -5.95 20.34 -11.86
CA SER B 376 -5.25 19.94 -10.66
C SER B 376 -3.88 20.59 -10.43
N GLY B 377 -3.18 20.96 -11.49
CA GLY B 377 -1.87 21.59 -11.33
C GLY B 377 -1.33 22.34 -12.54
N ARG B 378 -0.19 23.00 -12.38
CA ARG B 378 0.42 23.74 -13.50
C ARG B 378 1.51 22.87 -14.11
N GLY B 379 1.80 23.12 -15.39
CA GLY B 379 2.77 22.30 -16.10
C GLY B 379 4.18 22.80 -16.30
N ASP B 380 4.58 23.83 -15.57
CA ASP B 380 5.94 24.33 -15.71
C ASP B 380 6.88 23.13 -15.61
N LYS B 381 6.55 22.22 -14.69
CA LYS B 381 7.34 21.01 -14.47
C LYS B 381 7.41 20.11 -15.71
N ASP B 382 6.46 20.25 -16.61
CA ASP B 382 6.42 19.39 -17.79
C ASP B 382 7.02 20.00 -19.06
N ILE B 383 7.40 21.27 -18.99
CA ILE B 383 7.95 22.00 -20.13
C ILE B 383 9.00 21.25 -20.96
N PHE B 384 10.01 20.71 -20.29
CA PHE B 384 11.05 19.99 -21.01
C PHE B 384 10.52 18.70 -21.64
N THR B 385 9.66 18.00 -20.91
CA THR B 385 9.07 16.76 -21.40
C THR B 385 8.33 16.99 -22.71
N VAL B 386 7.42 17.95 -22.69
CA VAL B 386 6.64 18.27 -23.87
C VAL B 386 7.57 18.83 -24.94
N HIS B 387 8.66 19.44 -24.49
CA HIS B 387 9.65 20.03 -25.39
C HIS B 387 10.24 18.97 -26.30
N ASP B 388 10.96 18.04 -25.69
CA ASP B 388 11.59 16.94 -26.42
C ASP B 388 10.62 16.20 -27.32
N ILE B 389 9.50 15.74 -26.77
CA ILE B 389 8.54 15.03 -27.58
C ILE B 389 8.31 15.87 -28.83
N LEU B 390 8.02 17.16 -28.65
CA LEU B 390 7.79 18.05 -29.78
C LEU B 390 9.12 18.23 -30.53
C3 FIP C . 8.68 -13.91 8.61
C9 FIP C . 7.65 -12.94 8.79
C8 FIP C . 7.56 -12.19 7.59
C4 FIP C . 6.77 -12.63 9.83
C2 FIP C . 9.18 -13.70 7.37
N1 FIP C . 8.51 -12.68 6.74
C7 FIP C . 6.64 -11.16 7.42
C5 FIP C . 5.84 -11.61 9.66
C6 FIP C . 5.79 -10.88 8.45
F FIP C . 4.99 -11.33 10.64
C3P FIP C . 9.13 -14.91 9.61
C2P FIP C . 9.84 -14.20 10.76
C1P FIP C . 11.21 -13.71 10.30
P FIP C . 13.37 -12.50 11.23
OP1 FIP C . 13.69 -12.41 9.77
OP2 FIP C . 14.12 -13.65 11.87
OP3 FIP C . 13.29 -11.25 12.00
OP4 FIP C . 11.83 -13.01 11.35
NA NA D . -3.93 4.83 -10.73
N1 PLP E . -2.68 16.03 -10.94
C2 PLP E . -1.65 16.70 -10.33
C2A PLP E . -1.20 18.07 -10.88
C3 PLP E . -0.98 16.12 -9.29
O3 PLP E . 0.05 16.79 -8.68
C4 PLP E . -1.33 14.87 -8.85
C4A PLP E . -0.66 14.26 -7.59
C5 PLP E . -2.35 14.19 -9.47
C6 PLP E . -3.02 14.78 -10.51
C5A PLP E . -2.66 12.74 -9.11
O4P PLP E . -3.17 12.48 -7.84
P PLP E . -4.63 12.22 -7.51
O1P PLP E . -4.48 11.66 -6.12
O2P PLP E . -5.06 11.25 -8.56
O3P PLP E . -5.33 13.55 -7.51
#